data_1P7O
#
_entry.id   1P7O
#
_cell.length_a   88.038
_cell.length_b   88.038
_cell.length_c   262.941
_cell.angle_alpha   90.00
_cell.angle_beta   90.00
_cell.angle_gamma   90.00
#
_symmetry.space_group_name_H-M   'I 41'
#
loop_
_entity.id
_entity.type
_entity.pdbx_description
1 polymer 'PHOSPHOLIPASE A2'
2 water water
#
_entity_poly.entity_id   1
_entity_poly.type   'polypeptide(L)'
_entity_poly.pdbx_seq_one_letter_code
;NLLQFRNMIKCTIPGREPLLAFSNYGCYCGKGGSGTPVDELDRCCQTHDNCYDKAEKLPECKGILSGPYFNTYSYDCTDG
KLTCNDQNDKCKLFICNCDRTAAMCFAKAPYNEAYNHFNRQLCK
;
_entity_poly.pdbx_strand_id   A,B,C,D,E,F
#
# COMPACT_ATOMS: atom_id res chain seq x y z
N ASN A 1 -14.82 12.27 -9.62
CA ASN A 1 -13.61 11.65 -9.01
C ASN A 1 -13.14 12.42 -7.78
N LEU A 2 -12.29 11.79 -6.97
CA LEU A 2 -11.78 12.40 -5.75
C LEU A 2 -11.28 13.84 -5.89
N LEU A 3 -10.65 14.16 -7.00
CA LEU A 3 -10.15 15.52 -7.19
C LEU A 3 -11.34 16.46 -7.33
N GLN A 4 -12.39 15.98 -8.00
CA GLN A 4 -13.59 16.79 -8.16
C GLN A 4 -14.25 16.96 -6.77
N PHE A 5 -14.14 15.93 -5.94
CA PHE A 5 -14.72 15.98 -4.60
C PHE A 5 -14.03 17.06 -3.80
N ARG A 6 -12.71 17.12 -3.91
CA ARG A 6 -11.94 18.13 -3.20
C ARG A 6 -12.43 19.52 -3.58
N ASN A 7 -12.60 19.76 -4.88
CA ASN A 7 -13.05 21.06 -5.35
C ASN A 7 -14.47 21.38 -4.90
N MET A 8 -15.31 20.36 -4.76
CA MET A 8 -16.66 20.61 -4.29
C MET A 8 -16.59 21.11 -2.87
N ILE A 9 -15.58 20.65 -2.13
CA ILE A 9 -15.41 21.05 -0.75
C ILE A 9 -14.94 22.49 -0.71
N LYS A 10 -14.02 22.84 -1.59
CA LYS A 10 -13.52 24.22 -1.68
C LYS A 10 -14.68 25.18 -1.99
N CYS A 11 -15.69 24.67 -2.69
CA CYS A 11 -16.84 25.48 -3.06
C CYS A 11 -17.66 25.86 -1.84
N THR A 12 -18.14 24.86 -1.12
CA THR A 12 -18.94 25.11 0.08
C THR A 12 -18.10 25.62 1.25
N ILE A 13 -16.79 25.38 1.20
CA ILE A 13 -15.88 25.79 2.27
C ILE A 13 -14.56 26.37 1.71
N PRO A 14 -14.60 27.63 1.25
CA PRO A 14 -13.46 28.37 0.67
C PRO A 14 -12.25 28.55 1.58
N GLY A 15 -12.48 28.80 2.86
CA GLY A 15 -11.36 29.01 3.78
C GLY A 15 -10.66 27.76 4.29
N ARG A 16 -10.53 26.74 3.45
CA ARG A 16 -9.89 25.50 3.88
C ARG A 16 -9.34 24.60 2.78
N GLU A 17 -8.23 23.95 3.08
CA GLU A 17 -7.62 22.99 2.18
C GLU A 17 -8.28 21.67 2.57
N PRO A 18 -9.14 21.13 1.72
CA PRO A 18 -9.81 19.86 2.03
C PRO A 18 -8.86 18.76 2.49
N LEU A 19 -7.76 18.59 1.76
CA LEU A 19 -6.80 17.53 2.09
C LEU A 19 -6.10 17.69 3.43
N LEU A 20 -6.26 18.83 4.07
CA LEU A 20 -5.61 19.03 5.37
C LEU A 20 -6.58 19.04 6.53
N ALA A 21 -7.86 19.22 6.23
CA ALA A 21 -8.86 19.28 7.27
C ALA A 21 -9.76 18.05 7.36
N PHE A 22 -9.98 17.37 6.24
CA PHE A 22 -10.87 16.22 6.23
C PHE A 22 -10.25 14.89 5.82
N SER A 23 -9.00 14.89 5.38
CA SER A 23 -8.41 13.63 4.95
C SER A 23 -8.02 12.68 6.08
N ASN A 24 -8.21 13.09 7.33
CA ASN A 24 -7.88 12.25 8.48
C ASN A 24 -8.57 12.73 9.75
N TYR A 25 -9.88 12.96 9.64
CA TYR A 25 -10.66 13.46 10.74
C TYR A 25 -11.67 12.43 11.26
N GLY A 26 -11.76 12.31 12.58
CA GLY A 26 -12.70 11.38 13.18
C GLY A 26 -12.44 9.92 12.88
N CYS A 27 -13.52 9.15 12.67
CA CYS A 27 -13.39 7.73 12.39
C CYS A 27 -13.76 7.37 10.95
N TYR A 28 -14.43 8.28 10.23
CA TYR A 28 -14.82 8.00 8.85
C TYR A 28 -14.30 8.91 7.75
N CYS A 29 -13.96 10.15 8.11
CA CYS A 29 -13.45 11.07 7.13
C CYS A 29 -12.13 10.66 6.50
N GLY A 30 -12.12 10.58 5.18
CA GLY A 30 -10.89 10.24 4.50
C GLY A 30 -10.63 8.85 3.98
N LYS A 31 -10.15 7.94 4.82
CA LYS A 31 -9.77 6.63 4.31
C LYS A 31 -10.34 5.34 4.90
N GLY A 32 -9.99 5.01 6.13
CA GLY A 32 -10.48 3.77 6.72
C GLY A 32 -11.65 3.86 7.67
N GLY A 33 -12.77 4.42 7.23
CA GLY A 33 -13.92 4.52 8.10
C GLY A 33 -14.39 3.23 8.76
N SER A 34 -14.41 3.21 10.08
CA SER A 34 -14.91 2.06 10.85
C SER A 34 -15.28 2.55 12.24
N GLY A 35 -16.28 1.94 12.85
CA GLY A 35 -16.68 2.36 14.18
C GLY A 35 -17.85 3.31 14.24
N THR A 36 -17.87 4.17 15.26
CA THR A 36 -18.94 5.16 15.43
C THR A 36 -18.41 6.58 15.23
N PRO A 37 -19.16 7.43 14.51
CA PRO A 37 -18.75 8.82 14.24
C PRO A 37 -18.49 9.61 15.53
N VAL A 38 -17.41 10.39 15.57
CA VAL A 38 -17.12 11.17 16.76
C VAL A 38 -18.06 12.38 16.84
N ASP A 39 -18.45 12.92 15.68
CA ASP A 39 -19.35 14.07 15.66
C ASP A 39 -20.18 14.14 14.39
N GLU A 40 -20.88 15.25 14.19
CA GLU A 40 -21.73 15.45 13.02
C GLU A 40 -20.94 15.45 11.71
N LEU A 41 -19.77 16.07 11.74
CA LEU A 41 -18.92 16.12 10.55
C LEU A 41 -18.52 14.68 10.23
N ASP A 42 -18.03 13.98 11.24
CA ASP A 42 -17.61 12.60 11.07
C ASP A 42 -18.72 11.77 10.46
N ARG A 43 -19.95 12.10 10.83
CA ARG A 43 -21.07 11.36 10.31
C ARG A 43 -21.26 11.64 8.82
N CYS A 44 -20.99 12.87 8.40
CA CYS A 44 -21.10 13.21 6.99
C CYS A 44 -20.21 12.26 6.18
N CYS A 45 -19.04 11.94 6.74
CA CYS A 45 -18.11 11.05 6.07
C CYS A 45 -18.57 9.59 6.03
N GLN A 46 -19.27 9.15 7.08
CA GLN A 46 -19.78 7.79 7.13
C GLN A 46 -20.88 7.67 6.06
N THR A 47 -21.70 8.70 5.95
CA THR A 47 -22.77 8.69 4.96
C THR A 47 -22.15 8.63 3.57
N HIS A 48 -21.13 9.45 3.37
CA HIS A 48 -20.42 9.52 2.11
C HIS A 48 -19.95 8.11 1.74
N ASP A 49 -19.28 7.47 2.69
CA ASP A 49 -18.78 6.12 2.48
C ASP A 49 -19.90 5.20 2.04
N ASN A 50 -21.02 5.26 2.76
CA ASN A 50 -22.17 4.44 2.45
C ASN A 50 -22.68 4.72 1.03
N CYS A 51 -22.69 5.99 0.66
CA CYS A 51 -23.15 6.41 -0.67
C CYS A 51 -22.28 5.77 -1.75
N TYR A 52 -20.96 5.84 -1.58
CA TYR A 52 -20.02 5.25 -2.52
C TYR A 52 -20.26 3.75 -2.59
N ASP A 53 -20.63 3.15 -1.45
CA ASP A 53 -20.92 1.73 -1.39
C ASP A 53 -22.12 1.44 -2.28
N LYS A 54 -23.11 2.32 -2.23
CA LYS A 54 -24.32 2.20 -3.05
C LYS A 54 -23.97 2.41 -4.51
N ALA A 55 -23.08 3.35 -4.76
CA ALA A 55 -22.65 3.69 -6.12
C ALA A 55 -22.07 2.48 -6.85
N GLU A 56 -21.37 1.62 -6.13
CA GLU A 56 -20.77 0.43 -6.73
C GLU A 56 -21.78 -0.69 -7.00
N LYS A 57 -23.01 -0.56 -6.49
CA LYS A 57 -24.04 -1.57 -6.70
C LYS A 57 -25.16 -1.02 -7.56
N LEU A 58 -25.01 0.23 -7.98
CA LEU A 58 -26.01 0.85 -8.83
C LEU A 58 -25.94 0.14 -10.18
N PRO A 59 -27.07 -0.38 -10.67
CA PRO A 59 -27.08 -1.08 -11.95
C PRO A 59 -26.55 -0.22 -13.08
N GLU A 60 -26.71 1.09 -12.96
CA GLU A 60 -26.24 2.01 -13.99
C GLU A 60 -24.73 2.21 -14.00
N CYS A 61 -24.08 1.78 -12.92
CA CYS A 61 -22.63 1.92 -12.82
C CYS A 61 -21.97 0.63 -13.30
N LYS A 62 -21.11 0.74 -14.31
CA LYS A 62 -20.41 -0.42 -14.87
C LYS A 62 -19.27 0.02 -15.80
N GLY A 63 -18.25 -0.82 -15.92
CA GLY A 63 -17.13 -0.51 -16.80
C GLY A 63 -15.91 0.11 -16.13
N ILE A 64 -14.80 0.09 -16.85
CA ILE A 64 -13.56 0.63 -16.34
C ILE A 64 -13.77 2.07 -15.89
N LEU A 65 -13.10 2.42 -14.79
CA LEU A 65 -13.13 3.74 -14.20
C LEU A 65 -14.53 4.32 -13.97
N SER A 66 -15.49 3.49 -13.57
CA SER A 66 -16.83 3.99 -13.29
C SER A 66 -17.02 4.04 -11.77
N GLY A 67 -15.95 3.75 -11.04
CA GLY A 67 -15.99 3.79 -9.59
C GLY A 67 -16.02 5.24 -9.11
N PRO A 68 -16.49 5.50 -7.88
CA PRO A 68 -16.58 6.87 -7.33
C PRO A 68 -15.26 7.62 -7.28
N TYR A 69 -14.16 6.89 -7.11
CA TYR A 69 -12.85 7.51 -7.02
C TYR A 69 -12.26 7.99 -8.36
N PHE A 70 -12.59 7.30 -9.43
CA PHE A 70 -12.05 7.65 -10.75
C PHE A 70 -13.05 8.16 -11.76
N ASN A 71 -14.34 7.94 -11.51
CA ASN A 71 -15.38 8.36 -12.45
C ASN A 71 -15.57 9.88 -12.45
N THR A 72 -15.45 10.48 -13.63
CA THR A 72 -15.59 11.93 -13.79
C THR A 72 -17.01 12.31 -14.18
N TYR A 73 -17.63 13.14 -13.36
CA TYR A 73 -18.99 13.59 -13.63
C TYR A 73 -18.94 15.06 -14.03
N SER A 74 -20.10 15.62 -14.39
CA SER A 74 -20.16 17.04 -14.75
C SER A 74 -20.90 17.75 -13.62
N TYR A 75 -20.33 18.81 -13.09
CA TYR A 75 -20.95 19.55 -12.01
C TYR A 75 -20.61 21.01 -12.13
N ASP A 76 -21.24 21.82 -11.29
CA ASP A 76 -21.03 23.26 -11.31
C ASP A 76 -20.95 23.90 -9.92
N CYS A 77 -20.02 24.83 -9.78
CA CYS A 77 -19.88 25.60 -8.55
C CYS A 77 -19.92 27.06 -8.95
N THR A 78 -21.03 27.73 -8.62
CA THR A 78 -21.21 29.15 -8.93
C THR A 78 -21.68 29.85 -7.64
N ASP A 79 -21.10 31.02 -7.36
CA ASP A 79 -21.39 31.79 -6.14
C ASP A 79 -21.79 30.91 -4.94
N GLY A 80 -20.91 29.96 -4.63
CA GLY A 80 -21.08 29.07 -3.50
C GLY A 80 -21.95 27.83 -3.56
N LYS A 81 -22.68 27.62 -4.65
CA LYS A 81 -23.53 26.45 -4.73
C LYS A 81 -23.04 25.39 -5.72
N LEU A 82 -23.46 24.15 -5.50
CA LEU A 82 -23.08 23.03 -6.34
C LEU A 82 -24.27 22.43 -7.07
N THR A 83 -24.11 22.21 -8.37
CA THR A 83 -25.18 21.63 -9.17
C THR A 83 -24.72 20.45 -10.00
N CYS A 84 -25.35 19.28 -9.80
CA CYS A 84 -24.98 18.10 -10.57
C CYS A 84 -25.77 18.13 -11.88
N ASN A 85 -25.02 18.30 -12.97
CA ASN A 85 -25.58 18.43 -14.30
C ASN A 85 -25.62 17.18 -15.18
N ASP A 86 -25.37 16.01 -14.61
CA ASP A 86 -25.42 14.79 -15.41
C ASP A 86 -26.88 14.36 -15.60
N GLN A 87 -27.21 13.93 -16.81
CA GLN A 87 -28.56 13.47 -17.10
C GLN A 87 -28.50 12.07 -17.68
N ASN A 88 -27.85 11.94 -18.83
CA ASN A 88 -27.75 10.63 -19.48
C ASN A 88 -27.06 9.60 -18.59
N ASP A 89 -25.86 9.90 -18.13
CA ASP A 89 -25.13 8.96 -17.29
C ASP A 89 -25.57 9.04 -15.84
N LYS A 90 -26.49 8.15 -15.47
CA LYS A 90 -27.00 8.14 -14.11
C LYS A 90 -25.97 7.66 -13.10
N CYS A 91 -24.89 7.03 -13.56
CA CYS A 91 -23.88 6.58 -12.64
C CYS A 91 -23.11 7.78 -12.13
N LYS A 92 -22.78 8.69 -13.04
CA LYS A 92 -22.05 9.91 -12.68
C LYS A 92 -22.96 10.77 -11.83
N LEU A 93 -24.21 10.92 -12.24
CA LEU A 93 -25.16 11.73 -11.49
C LEU A 93 -25.23 11.28 -10.05
N PHE A 94 -25.26 9.97 -9.84
CA PHE A 94 -25.33 9.43 -8.50
C PHE A 94 -24.05 9.79 -7.71
N ILE A 95 -22.89 9.50 -8.29
CA ILE A 95 -21.61 9.79 -7.65
C ILE A 95 -21.52 11.28 -7.34
N CYS A 96 -21.93 12.10 -8.30
CA CYS A 96 -21.91 13.55 -8.15
C CYS A 96 -22.71 13.98 -6.93
N ASN A 97 -23.89 13.38 -6.74
CA ASN A 97 -24.72 13.71 -5.59
C ASN A 97 -24.09 13.22 -4.31
N CYS A 98 -23.43 12.07 -4.36
CA CYS A 98 -22.74 11.58 -3.18
C CYS A 98 -21.80 12.69 -2.71
N ASP A 99 -21.06 13.25 -3.65
CA ASP A 99 -20.08 14.30 -3.37
C ASP A 99 -20.68 15.64 -2.99
N ARG A 100 -21.72 16.04 -3.71
CA ARG A 100 -22.40 17.30 -3.42
C ARG A 100 -22.99 17.27 -2.01
N THR A 101 -23.70 16.20 -1.68
CA THR A 101 -24.34 16.06 -0.37
C THR A 101 -23.32 16.08 0.76
N ALA A 102 -22.18 15.45 0.55
CA ALA A 102 -21.16 15.43 1.59
C ALA A 102 -20.53 16.82 1.74
N ALA A 103 -20.33 17.50 0.62
CA ALA A 103 -19.72 18.83 0.64
C ALA A 103 -20.54 19.84 1.43
N MET A 104 -21.86 19.82 1.23
CA MET A 104 -22.76 20.73 1.94
C MET A 104 -22.91 20.30 3.40
N CYS A 105 -22.73 19.01 3.64
CA CYS A 105 -22.86 18.46 4.97
C CYS A 105 -21.63 18.90 5.74
N PHE A 106 -20.50 18.98 5.04
CA PHE A 106 -19.23 19.38 5.66
C PHE A 106 -19.33 20.85 6.08
N ALA A 107 -19.87 21.69 5.20
CA ALA A 107 -19.98 23.12 5.48
C ALA A 107 -20.98 23.45 6.58
N LYS A 108 -22.12 22.75 6.56
CA LYS A 108 -23.18 22.97 7.52
C LYS A 108 -22.93 22.30 8.86
N ALA A 109 -21.77 21.66 9.00
CA ALA A 109 -21.46 20.98 10.25
C ALA A 109 -20.33 21.64 11.02
N PRO A 110 -20.26 21.39 12.33
CA PRO A 110 -19.21 21.97 13.17
C PRO A 110 -17.86 21.30 12.92
N TYR A 111 -16.79 22.05 13.10
CA TYR A 111 -15.46 21.51 12.89
C TYR A 111 -14.72 21.52 14.23
N ASN A 112 -14.23 20.36 14.64
CA ASN A 112 -13.52 20.23 15.91
C ASN A 112 -12.10 19.73 15.63
N GLU A 113 -11.14 20.64 15.65
CA GLU A 113 -9.75 20.26 15.36
C GLU A 113 -9.18 19.27 16.37
N ALA A 114 -9.83 19.13 17.51
CA ALA A 114 -9.36 18.19 18.53
C ALA A 114 -9.55 16.79 17.94
N TYR A 115 -10.51 16.69 17.02
CA TYR A 115 -10.83 15.44 16.35
C TYR A 115 -10.06 15.21 15.05
N ASN A 116 -9.12 16.12 14.75
CA ASN A 116 -8.32 15.97 13.55
C ASN A 116 -7.16 15.06 13.93
N HIS A 117 -6.69 14.25 12.98
CA HIS A 117 -5.60 13.34 13.29
C HIS A 117 -6.04 12.49 14.48
N PHE A 118 -7.23 11.92 14.36
CA PHE A 118 -7.84 11.13 15.41
C PHE A 118 -7.30 9.72 15.58
N ASN A 119 -7.21 9.29 16.84
CA ASN A 119 -6.71 7.96 17.20
C ASN A 119 -7.86 6.97 16.99
N ARG A 120 -7.91 6.41 15.78
CA ARG A 120 -8.97 5.48 15.42
C ARG A 120 -9.11 4.20 16.20
N GLN A 121 -8.22 3.96 17.17
CA GLN A 121 -8.38 2.76 17.99
C GLN A 121 -9.46 3.09 19.03
N LEU A 122 -9.91 4.34 19.00
CA LEU A 122 -10.94 4.82 19.91
C LEU A 122 -12.29 4.77 19.22
N CYS A 123 -12.29 4.23 18.01
CA CYS A 123 -13.52 4.13 17.23
C CYS A 123 -14.39 2.94 17.58
N LYS A 124 -13.79 1.91 18.17
CA LYS A 124 -14.52 0.71 18.55
C LYS A 124 -15.46 0.94 19.75
N ASN B 1 26.72 14.68 13.02
CA ASN B 1 25.63 13.67 13.09
C ASN B 1 24.26 14.33 13.33
N LEU B 2 23.19 13.56 13.23
CA LEU B 2 21.85 14.09 13.41
C LEU B 2 21.60 14.75 14.75
N LEU B 3 22.15 14.19 15.82
CA LEU B 3 21.96 14.76 17.14
C LEU B 3 22.55 16.16 17.16
N GLN B 4 23.69 16.33 16.49
CA GLN B 4 24.32 17.64 16.43
C GLN B 4 23.43 18.57 15.59
N PHE B 5 22.84 18.02 14.52
CA PHE B 5 21.96 18.78 13.65
C PHE B 5 20.75 19.32 14.42
N ARG B 6 20.19 18.51 15.30
CA ARG B 6 19.06 18.92 16.11
C ARG B 6 19.47 20.11 16.99
N ASN B 7 20.68 20.05 17.54
CA ASN B 7 21.16 21.13 18.39
C ASN B 7 21.51 22.40 17.61
N MET B 8 21.84 22.26 16.33
CA MET B 8 22.14 23.41 15.51
C MET B 8 20.82 24.16 15.30
N ILE B 9 19.74 23.41 15.07
CA ILE B 9 18.44 24.02 14.87
C ILE B 9 18.04 24.73 16.16
N LYS B 10 18.36 24.12 17.30
CA LYS B 10 18.04 24.72 18.59
C LYS B 10 18.87 25.99 18.75
N CYS B 11 19.97 26.06 18.02
CA CYS B 11 20.86 27.22 18.07
C CYS B 11 20.26 28.36 17.25
N THR B 12 19.62 28.01 16.13
CA THR B 12 19.04 29.02 15.25
C THR B 12 17.57 29.37 15.50
N ILE B 13 16.84 28.45 16.13
CA ILE B 13 15.43 28.67 16.46
C ILE B 13 15.25 28.31 17.93
N PRO B 14 15.78 29.15 18.84
CA PRO B 14 15.71 28.98 20.29
C PRO B 14 14.37 28.50 20.85
N GLY B 15 13.29 29.07 20.32
CA GLY B 15 11.96 28.72 20.80
C GLY B 15 11.26 27.42 20.42
N ARG B 16 11.98 26.35 20.11
CA ARG B 16 11.28 25.11 19.78
C ARG B 16 12.08 23.81 19.80
N GLU B 17 11.36 22.70 19.89
CA GLU B 17 11.96 21.38 19.90
C GLU B 17 11.95 20.90 18.45
N PRO B 18 13.13 20.84 17.82
CA PRO B 18 13.24 20.41 16.44
C PRO B 18 12.47 19.15 16.08
N LEU B 19 12.45 18.18 16.99
CA LEU B 19 11.75 16.91 16.76
C LEU B 19 10.23 17.03 16.70
N LEU B 20 9.69 18.11 17.27
CA LEU B 20 8.25 18.32 17.28
C LEU B 20 7.78 19.22 16.13
N ALA B 21 8.69 19.99 15.56
CA ALA B 21 8.32 20.88 14.47
C ALA B 21 8.85 20.52 13.08
N PHE B 22 10.04 19.93 13.00
CA PHE B 22 10.65 19.62 11.71
C PHE B 22 10.84 18.15 11.31
N SER B 23 10.30 17.19 12.06
CA SER B 23 10.54 15.79 11.68
C SER B 23 9.42 15.13 10.88
N ASN B 24 8.26 15.78 10.83
CA ASN B 24 7.12 15.28 10.08
C ASN B 24 6.51 16.42 9.29
N TYR B 25 7.34 17.39 8.93
CA TYR B 25 6.86 18.56 8.20
C TYR B 25 6.90 18.40 6.70
N GLY B 26 5.78 18.72 6.05
CA GLY B 26 5.68 18.63 4.61
C GLY B 26 6.05 17.30 3.97
N CYS B 27 6.66 17.38 2.80
CA CYS B 27 7.06 16.21 2.05
C CYS B 27 8.49 15.73 2.27
N TYR B 28 9.40 16.65 2.56
CA TYR B 28 10.80 16.27 2.75
C TYR B 28 11.41 16.35 4.14
N CYS B 29 10.85 17.16 5.02
CA CYS B 29 11.43 17.29 6.36
C CYS B 29 11.30 16.04 7.20
N GLY B 30 12.41 15.61 7.78
CA GLY B 30 12.40 14.44 8.63
C GLY B 30 13.02 13.21 8.00
N LYS B 31 13.53 13.37 6.78
CA LYS B 31 14.15 12.27 6.04
C LYS B 31 13.11 11.25 5.59
N GLY B 32 13.42 10.53 4.51
CA GLY B 32 12.50 9.54 3.98
C GLY B 32 11.37 10.19 3.19
N GLY B 33 11.69 11.24 2.43
CA GLY B 33 10.66 11.93 1.66
C GLY B 33 10.94 12.09 0.16
N SER B 34 9.92 12.53 -0.57
CA SER B 34 10.03 12.73 -2.01
C SER B 34 8.91 13.67 -2.49
N GLY B 35 8.66 13.69 -3.80
CA GLY B 35 7.60 14.53 -4.33
C GLY B 35 8.00 15.99 -4.46
N THR B 36 7.02 16.88 -4.41
CA THR B 36 7.30 18.32 -4.54
C THR B 36 7.24 19.01 -3.18
N PRO B 37 8.24 19.84 -2.87
CA PRO B 37 8.20 20.53 -1.57
C PRO B 37 6.92 21.37 -1.49
N VAL B 38 6.35 21.49 -0.29
CA VAL B 38 5.11 22.25 -0.14
C VAL B 38 5.31 23.73 0.08
N ASP B 39 6.48 24.12 0.56
CA ASP B 39 6.77 25.54 0.82
C ASP B 39 8.27 25.74 0.99
N GLU B 40 8.67 26.96 1.33
CA GLU B 40 10.08 27.26 1.51
C GLU B 40 10.76 26.33 2.54
N LEU B 41 10.09 26.12 3.67
CA LEU B 41 10.65 25.25 4.72
C LEU B 41 10.92 23.87 4.13
N ASP B 42 9.93 23.34 3.44
CA ASP B 42 10.02 22.03 2.81
C ASP B 42 11.18 21.94 1.82
N ARG B 43 11.47 23.05 1.12
CA ARG B 43 12.58 23.09 0.15
C ARG B 43 13.88 22.98 0.94
N CYS B 44 13.96 23.69 2.06
CA CYS B 44 15.15 23.63 2.90
C CYS B 44 15.52 22.16 3.16
N CYS B 45 14.54 21.37 3.59
CA CYS B 45 14.78 19.97 3.88
C CYS B 45 15.18 19.19 2.63
N GLN B 46 14.64 19.58 1.48
CA GLN B 46 15.01 18.91 0.24
C GLN B 46 16.47 19.20 -0.09
N THR B 47 16.88 20.46 -0.06
CA THR B 47 18.27 20.76 -0.36
C THR B 47 19.20 20.17 0.69
N HIS B 48 18.64 19.84 1.85
CA HIS B 48 19.43 19.24 2.91
C HIS B 48 19.67 17.76 2.55
N ASP B 49 18.67 17.14 1.94
CA ASP B 49 18.79 15.76 1.50
C ASP B 49 19.88 15.74 0.43
N ASN B 50 19.66 16.53 -0.62
CA ASN B 50 20.60 16.61 -1.73
C ASN B 50 22.01 16.76 -1.19
N CYS B 51 22.14 17.60 -0.17
CA CYS B 51 23.43 17.82 0.44
C CYS B 51 24.00 16.53 1.02
N TYR B 52 23.17 15.76 1.71
CA TYR B 52 23.62 14.50 2.29
C TYR B 52 24.00 13.54 1.16
N ASP B 53 23.26 13.63 0.06
CA ASP B 53 23.51 12.78 -1.11
C ASP B 53 24.91 13.07 -1.65
N LYS B 54 25.28 14.35 -1.68
CA LYS B 54 26.60 14.74 -2.18
C LYS B 54 27.69 14.32 -1.21
N ALA B 55 27.39 14.36 0.09
CA ALA B 55 28.38 14.00 1.08
C ALA B 55 28.78 12.53 0.92
N GLU B 56 27.81 11.67 0.62
CA GLU B 56 28.09 10.26 0.48
C GLU B 56 29.01 9.98 -0.72
N LYS B 57 29.18 10.97 -1.58
CA LYS B 57 30.02 10.83 -2.77
C LYS B 57 31.29 11.66 -2.73
N LEU B 58 31.38 12.56 -1.76
CA LEU B 58 32.57 13.38 -1.63
C LEU B 58 33.76 12.44 -1.47
N PRO B 59 34.83 12.65 -2.27
CA PRO B 59 36.03 11.81 -2.21
C PRO B 59 36.60 11.74 -0.80
N GLU B 60 36.53 12.88 -0.12
CA GLU B 60 37.05 12.98 1.23
C GLU B 60 36.28 12.17 2.27
N CYS B 61 35.11 11.63 1.90
CA CYS B 61 34.31 10.84 2.84
C CYS B 61 34.42 9.33 2.65
N LYS B 62 35.28 8.69 3.44
CA LYS B 62 35.44 7.24 3.39
C LYS B 62 35.71 6.80 4.79
N GLY B 63 35.33 5.56 5.11
CA GLY B 63 35.55 5.03 6.44
C GLY B 63 34.30 4.75 7.26
N ILE B 64 34.44 3.88 8.26
CA ILE B 64 33.33 3.53 9.13
C ILE B 64 32.80 4.82 9.76
N LEU B 65 31.47 4.96 9.76
CA LEU B 65 30.78 6.12 10.30
C LEU B 65 31.24 7.45 9.73
N SER B 66 31.41 7.51 8.41
CA SER B 66 31.79 8.77 7.79
C SER B 66 30.53 9.37 7.12
N GLY B 67 29.41 8.64 7.21
CA GLY B 67 28.15 9.10 6.66
C GLY B 67 27.61 10.30 7.41
N PRO B 68 26.80 11.16 6.77
CA PRO B 68 26.24 12.36 7.39
C PRO B 68 25.35 12.16 8.63
N TYR B 69 24.74 10.98 8.76
CA TYR B 69 23.88 10.68 9.89
C TYR B 69 24.66 10.47 11.18
N PHE B 70 25.76 9.72 11.09
CA PHE B 70 26.56 9.39 12.27
C PHE B 70 27.94 10.01 12.43
N ASN B 71 28.42 10.75 11.43
CA ASN B 71 29.74 11.36 11.46
C ASN B 71 29.74 12.59 12.38
N THR B 72 30.53 12.51 13.44
CA THR B 72 30.59 13.62 14.40
C THR B 72 31.60 14.67 13.99
N TYR B 73 31.10 15.86 13.68
CA TYR B 73 31.97 16.96 13.28
C TYR B 73 32.17 17.92 14.44
N SER B 74 33.05 18.89 14.25
CA SER B 74 33.29 19.88 15.28
C SER B 74 32.62 21.17 14.86
N TYR B 75 31.91 21.80 15.79
CA TYR B 75 31.21 23.03 15.49
C TYR B 75 30.91 23.75 16.78
N ASP B 76 30.42 24.98 16.66
CA ASP B 76 30.09 25.78 17.83
C ASP B 76 28.88 26.69 17.59
N CYS B 77 28.18 27.00 18.67
CA CYS B 77 27.02 27.87 18.59
C CYS B 77 27.18 28.98 19.62
N THR B 78 27.46 30.20 19.13
CA THR B 78 27.62 31.35 20.00
C THR B 78 26.80 32.51 19.48
N ASP B 79 25.94 33.05 20.35
CA ASP B 79 25.07 34.17 19.99
C ASP B 79 24.26 33.88 18.74
N GLY B 80 23.45 32.83 18.81
CA GLY B 80 22.60 32.43 17.70
C GLY B 80 23.35 32.18 16.41
N LYS B 81 24.67 32.11 16.49
CA LYS B 81 25.45 31.87 15.29
C LYS B 81 26.24 30.55 15.34
N LEU B 82 26.13 29.80 14.25
CA LEU B 82 26.79 28.50 14.10
C LEU B 82 28.08 28.57 13.29
N THR B 83 29.13 27.95 13.81
CA THR B 83 30.40 27.94 13.10
C THR B 83 30.97 26.52 13.02
N CYS B 84 31.28 26.08 11.80
CA CYS B 84 31.87 24.76 11.58
C CYS B 84 33.37 24.90 11.76
N ASN B 85 33.91 24.22 12.77
CA ASN B 85 35.33 24.32 13.05
C ASN B 85 36.27 23.34 12.35
N ASP B 86 35.75 22.25 11.78
CA ASP B 86 36.65 21.30 11.11
C ASP B 86 37.54 22.00 10.09
N GLN B 87 38.75 21.50 9.91
CA GLN B 87 39.70 22.09 8.97
C GLN B 87 40.39 21.11 8.02
N ASN B 88 41.14 20.17 8.57
CA ASN B 88 41.83 19.22 7.69
C ASN B 88 40.96 18.04 7.28
N ASP B 89 39.86 17.83 7.99
CA ASP B 89 38.95 16.74 7.65
C ASP B 89 37.80 17.36 6.86
N LYS B 90 38.02 17.47 5.56
CA LYS B 90 37.08 18.05 4.61
C LYS B 90 35.72 17.38 4.61
N CYS B 91 35.68 16.06 4.82
CA CYS B 91 34.42 15.33 4.82
C CYS B 91 33.46 15.79 5.93
N LYS B 92 34.03 15.90 7.10
CA LYS B 92 33.31 16.22 8.28
C LYS B 92 33.01 17.74 8.38
N LEU B 93 33.61 18.49 7.44
CA LEU B 93 33.38 19.94 7.29
C LEU B 93 32.16 20.10 6.38
N PHE B 94 32.15 19.34 5.29
CA PHE B 94 31.07 19.35 4.30
C PHE B 94 29.73 19.00 4.98
N ILE B 95 29.73 17.95 5.79
CA ILE B 95 28.54 17.53 6.52
C ILE B 95 28.13 18.62 7.51
N CYS B 96 29.10 19.17 8.25
CA CYS B 96 28.78 20.24 9.19
C CYS B 96 28.09 21.41 8.49
N ASN B 97 28.53 21.69 7.26
CA ASN B 97 27.94 22.78 6.47
C ASN B 97 26.55 22.44 6.01
N CYS B 98 26.32 21.19 5.62
CA CYS B 98 25.01 20.74 5.21
C CYS B 98 24.00 21.07 6.31
N ASP B 99 24.35 20.70 7.54
CA ASP B 99 23.50 20.94 8.70
C ASP B 99 23.41 22.41 9.07
N ARG B 100 24.51 23.13 8.90
CA ARG B 100 24.53 24.56 9.21
C ARG B 100 23.56 25.27 8.27
N THR B 101 23.74 25.03 6.97
CA THR B 101 22.91 25.65 5.95
C THR B 101 21.43 25.35 6.14
N ALA B 102 21.11 24.13 6.54
CA ALA B 102 19.72 23.76 6.77
C ALA B 102 19.13 24.49 7.97
N ALA B 103 19.88 24.59 9.06
CA ALA B 103 19.41 25.22 10.30
C ALA B 103 19.13 26.72 10.14
N MET B 104 19.92 27.38 9.30
CA MET B 104 19.73 28.81 9.05
C MET B 104 18.54 29.00 8.10
N CYS B 105 18.38 28.05 7.20
CA CYS B 105 17.28 28.06 6.23
C CYS B 105 15.96 27.88 7.01
N PHE B 106 15.89 26.85 7.85
CA PHE B 106 14.70 26.60 8.67
C PHE B 106 14.28 27.89 9.38
N ALA B 107 15.27 28.60 9.93
CA ALA B 107 15.02 29.83 10.67
C ALA B 107 14.51 31.00 9.83
N LYS B 108 14.98 31.13 8.60
CA LYS B 108 14.57 32.22 7.73
C LYS B 108 13.22 31.96 7.08
N ALA B 109 12.83 30.71 6.98
CA ALA B 109 11.56 30.38 6.33
C ALA B 109 10.36 30.38 7.24
N PRO B 110 9.20 30.74 6.70
CA PRO B 110 7.97 30.77 7.51
C PRO B 110 7.63 29.34 7.90
N TYR B 111 7.04 29.18 9.07
CA TYR B 111 6.65 27.87 9.54
C TYR B 111 5.14 27.78 9.38
N ASN B 112 4.67 26.75 8.68
CA ASN B 112 3.26 26.55 8.45
C ASN B 112 2.71 25.39 9.26
N GLU B 113 2.20 25.70 10.46
CA GLU B 113 1.66 24.70 11.37
C GLU B 113 0.73 23.69 10.69
N ALA B 114 0.07 24.12 9.61
CA ALA B 114 -0.85 23.22 8.91
C ALA B 114 -0.14 22.10 8.13
N TYR B 115 1.10 22.36 7.72
CA TYR B 115 1.88 21.39 6.99
C TYR B 115 2.65 20.42 7.86
N ASN B 116 2.52 20.58 9.18
CA ASN B 116 3.20 19.67 10.09
C ASN B 116 2.40 18.36 10.14
N HIS B 117 3.10 17.24 10.29
CA HIS B 117 2.44 15.95 10.30
C HIS B 117 1.67 15.85 8.99
N PHE B 118 2.34 16.19 7.89
CA PHE B 118 1.75 16.19 6.56
C PHE B 118 1.44 14.78 6.06
N ASN B 119 0.37 14.64 5.30
CA ASN B 119 -0.06 13.34 4.78
C ASN B 119 1.01 12.54 4.01
N ARG B 120 1.69 13.18 3.07
CA ARG B 120 2.75 12.54 2.28
C ARG B 120 2.22 11.68 1.15
N GLN B 121 1.06 11.05 1.35
CA GLN B 121 0.48 10.27 0.26
C GLN B 121 0.09 11.30 -0.80
N LEU B 122 0.15 12.57 -0.40
CA LEU B 122 -0.17 13.69 -1.27
C LEU B 122 1.05 14.28 -1.95
N CYS B 123 2.23 13.71 -1.73
CA CYS B 123 3.45 14.24 -2.32
C CYS B 123 3.78 13.78 -3.73
N LYS B 124 2.83 13.14 -4.39
CA LYS B 124 3.05 12.64 -5.74
C LYS B 124 2.60 13.56 -6.87
N ASN C 1 -10.04 -2.37 37.41
CA ASN C 1 -9.86 -2.62 35.95
C ASN C 1 -9.61 -1.38 35.11
N LEU C 2 -9.32 -1.67 33.85
CA LEU C 2 -9.02 -0.70 32.79
C LEU C 2 -9.98 0.50 32.79
N LEU C 3 -11.28 0.20 32.70
CA LEU C 3 -12.31 1.22 32.67
C LEU C 3 -12.38 1.99 33.98
N GLN C 4 -12.01 1.34 35.06
CA GLN C 4 -12.03 2.00 36.37
C GLN C 4 -10.91 3.05 36.45
N PHE C 5 -9.71 2.68 35.98
CA PHE C 5 -8.57 3.58 35.97
C PHE C 5 -8.96 4.81 35.14
N ARG C 6 -9.61 4.58 34.01
CA ARG C 6 -10.05 5.68 33.17
C ARG C 6 -10.98 6.61 33.94
N ASN C 7 -11.91 6.05 34.71
CA ASN C 7 -12.83 6.87 35.46
C ASN C 7 -12.13 7.58 36.62
N MET C 8 -11.10 6.95 37.19
CA MET C 8 -10.34 7.57 38.27
C MET C 8 -9.68 8.83 37.75
N ILE C 9 -9.24 8.78 36.49
CA ILE C 9 -8.60 9.92 35.87
C ILE C 9 -9.63 11.04 35.67
N LYS C 10 -10.86 10.67 35.34
CA LYS C 10 -11.93 11.64 35.15
C LYS C 10 -12.27 12.28 36.50
N CYS C 11 -12.07 11.52 37.56
CA CYS C 11 -12.31 12.02 38.91
C CYS C 11 -11.27 13.10 39.28
N THR C 12 -9.99 12.82 39.01
CA THR C 12 -8.94 13.77 39.34
C THR C 12 -8.73 14.87 38.31
N ILE C 13 -9.14 14.62 37.07
CA ILE C 13 -8.97 15.61 35.99
C ILE C 13 -10.27 15.80 35.18
N PRO C 14 -11.23 16.55 35.73
CA PRO C 14 -12.50 16.78 35.02
C PRO C 14 -12.28 17.51 33.70
N GLY C 15 -13.15 17.26 32.72
CA GLY C 15 -13.04 17.93 31.43
C GLY C 15 -12.18 17.30 30.37
N ARG C 16 -11.74 16.07 30.61
CA ARG C 16 -10.90 15.36 29.65
C ARG C 16 -11.37 13.94 29.48
N GLU C 17 -11.10 13.38 28.30
CA GLU C 17 -11.42 11.98 28.02
C GLU C 17 -10.09 11.27 28.12
N PRO C 18 -9.80 10.65 29.28
CA PRO C 18 -8.55 9.94 29.51
C PRO C 18 -8.01 9.11 28.34
N LEU C 19 -8.90 8.41 27.64
CA LEU C 19 -8.47 7.58 26.51
C LEU C 19 -8.08 8.44 25.34
N LEU C 20 -8.51 9.70 25.36
CA LEU C 20 -8.20 10.64 24.28
C LEU C 20 -6.95 11.46 24.54
N ALA C 21 -6.41 11.37 25.75
CA ALA C 21 -5.24 12.16 26.11
C ALA C 21 -4.06 11.38 26.65
N PHE C 22 -4.32 10.26 27.34
CA PHE C 22 -3.27 9.46 27.93
C PHE C 22 -3.05 8.13 27.20
N SER C 23 -3.79 7.91 26.12
CA SER C 23 -3.66 6.67 25.35
C SER C 23 -2.26 6.39 24.81
N ASN C 24 -1.72 7.35 24.06
CA ASN C 24 -0.38 7.22 23.49
C ASN C 24 0.34 8.50 23.76
N TYR C 25 0.76 8.68 25.01
CA TYR C 25 1.46 9.89 25.39
C TYR C 25 2.89 9.58 25.84
N GLY C 26 3.83 10.41 25.40
CA GLY C 26 5.22 10.26 25.77
C GLY C 26 5.79 8.90 25.43
N CYS C 27 6.46 8.30 26.40
CA CYS C 27 7.09 6.99 26.20
C CYS C 27 6.53 5.86 27.09
N TYR C 28 5.74 6.19 28.13
CA TYR C 28 5.19 5.17 29.00
C TYR C 28 3.66 5.17 29.12
N CYS C 29 3.01 6.25 28.72
CA CYS C 29 1.57 6.34 28.83
C CYS C 29 0.80 5.56 27.77
N GLY C 30 0.18 4.47 28.20
CA GLY C 30 -0.58 3.65 27.29
C GLY C 30 -0.08 2.20 27.28
N LYS C 31 0.35 1.75 26.11
CA LYS C 31 0.82 0.38 25.98
C LYS C 31 2.19 0.35 25.32
N GLY C 32 3.20 -0.08 26.07
CA GLY C 32 4.52 -0.13 25.49
C GLY C 32 5.67 0.17 26.44
N GLY C 33 5.73 1.39 26.95
CA GLY C 33 6.81 1.73 27.85
C GLY C 33 8.13 1.72 27.08
N SER C 34 9.24 2.07 27.74
CA SER C 34 10.56 2.10 27.12
C SER C 34 11.23 3.47 27.10
N GLY C 35 12.46 3.50 27.60
CA GLY C 35 13.24 4.72 27.60
C GLY C 35 13.11 5.59 28.83
N THR C 36 13.24 6.90 28.60
CA THR C 36 13.14 7.90 29.66
C THR C 36 11.87 8.73 29.44
N PRO C 37 11.15 9.05 30.51
CA PRO C 37 9.93 9.85 30.36
C PRO C 37 10.24 11.23 29.79
N VAL C 38 9.31 11.76 29.01
CA VAL C 38 9.48 13.06 28.40
C VAL C 38 9.11 14.21 29.33
N ASP C 39 8.44 13.89 30.44
CA ASP C 39 8.04 14.88 31.43
C ASP C 39 7.47 14.18 32.67
N GLU C 40 6.84 14.94 33.57
CA GLU C 40 6.28 14.34 34.78
C GLU C 40 5.12 13.39 34.49
N LEU C 41 4.15 13.83 33.69
CA LEU C 41 3.02 12.97 33.38
C LEU C 41 3.52 11.62 32.91
N ASP C 42 4.40 11.62 31.92
CA ASP C 42 4.98 10.41 31.36
C ASP C 42 5.61 9.58 32.48
N ARG C 43 6.28 10.25 33.42
CA ARG C 43 6.91 9.54 34.53
C ARG C 43 5.86 8.89 35.41
N CYS C 44 4.69 9.55 35.55
CA CYS C 44 3.61 8.98 36.35
C CYS C 44 3.23 7.64 35.73
N CYS C 45 3.15 7.58 34.41
CA CYS C 45 2.79 6.34 33.72
C CYS C 45 3.88 5.30 33.89
N GLN C 46 5.13 5.76 33.88
CA GLN C 46 6.27 4.85 34.04
C GLN C 46 6.15 4.18 35.41
N THR C 47 5.86 4.97 36.43
CA THR C 47 5.69 4.47 37.79
C THR C 47 4.48 3.54 37.85
N HIS C 48 3.42 3.91 37.14
CA HIS C 48 2.21 3.10 37.10
C HIS C 48 2.60 1.70 36.61
N ASP C 49 3.27 1.62 35.46
CA ASP C 49 3.70 0.34 34.89
C ASP C 49 4.41 -0.51 35.93
N ASN C 50 5.31 0.12 36.67
CA ASN C 50 6.04 -0.60 37.68
C ASN C 50 5.14 -1.14 38.78
N CYS C 51 4.12 -0.36 39.15
CA CYS C 51 3.21 -0.78 40.21
C CYS C 51 2.48 -2.03 39.71
N TYR C 52 2.11 -2.02 38.44
CA TYR C 52 1.42 -3.15 37.82
C TYR C 52 2.36 -4.35 37.79
N ASP C 53 3.65 -4.11 37.60
CA ASP C 53 4.61 -5.20 37.60
C ASP C 53 4.67 -5.84 38.98
N LYS C 54 4.49 -5.04 40.02
CA LYS C 54 4.52 -5.53 41.39
C LYS C 54 3.25 -6.31 41.74
N ALA C 55 2.13 -5.92 41.16
CA ALA C 55 0.87 -6.60 41.43
C ALA C 55 0.87 -8.03 40.89
N GLU C 56 1.51 -8.23 39.74
CA GLU C 56 1.58 -9.56 39.13
C GLU C 56 2.39 -10.51 39.99
N LYS C 57 3.24 -9.95 40.86
CA LYS C 57 4.09 -10.75 41.74
C LYS C 57 3.48 -10.85 43.14
N LEU C 58 2.48 -10.03 43.41
CA LEU C 58 1.84 -10.02 44.71
C LEU C 58 1.24 -11.38 45.03
N PRO C 59 1.54 -11.92 46.23
CA PRO C 59 1.03 -13.22 46.64
C PRO C 59 -0.50 -13.31 46.54
N GLU C 60 -1.18 -12.25 46.95
CA GLU C 60 -2.64 -12.21 46.91
C GLU C 60 -3.18 -12.22 45.50
N CYS C 61 -2.34 -11.82 44.54
CA CYS C 61 -2.79 -11.78 43.17
C CYS C 61 -2.58 -13.09 42.41
N LYS C 62 -3.66 -13.83 42.22
CA LYS C 62 -3.60 -15.06 41.47
C LYS C 62 -4.98 -15.65 41.32
N GLY C 63 -5.33 -15.91 40.08
CA GLY C 63 -6.63 -16.45 39.77
C GLY C 63 -6.91 -15.93 38.39
N ILE C 64 -7.87 -16.53 37.70
CA ILE C 64 -8.19 -16.12 36.36
C ILE C 64 -8.80 -14.71 36.33
N LEU C 65 -8.23 -13.88 35.46
CA LEU C 65 -8.64 -12.51 35.28
C LEU C 65 -8.42 -11.62 36.52
N SER C 66 -7.43 -11.97 37.32
CA SER C 66 -7.12 -11.19 38.50
C SER C 66 -6.02 -10.17 38.17
N GLY C 67 -5.77 -9.98 36.87
CA GLY C 67 -4.75 -9.03 36.43
C GLY C 67 -5.31 -7.61 36.37
N PRO C 68 -4.45 -6.57 36.51
CA PRO C 68 -4.80 -5.14 36.48
C PRO C 68 -5.79 -4.74 35.41
N TYR C 69 -5.64 -5.33 34.23
CA TYR C 69 -6.51 -5.02 33.10
C TYR C 69 -7.99 -5.38 33.31
N PHE C 70 -8.24 -6.55 33.89
CA PHE C 70 -9.60 -7.04 34.09
C PHE C 70 -10.11 -7.09 35.52
N ASN C 71 -9.21 -7.08 36.50
CA ASN C 71 -9.63 -7.16 37.91
C ASN C 71 -10.41 -5.92 38.38
N THR C 72 -11.70 -6.14 38.65
CA THR C 72 -12.59 -5.08 39.10
C THR C 72 -12.46 -4.89 40.60
N TYR C 73 -12.03 -3.71 41.02
CA TYR C 73 -11.88 -3.44 42.44
C TYR C 73 -12.99 -2.53 42.95
N SER C 74 -12.93 -2.21 44.24
CA SER C 74 -13.92 -1.34 44.86
C SER C 74 -13.31 0.00 45.25
N TYR C 75 -13.83 1.07 44.68
CA TYR C 75 -13.30 2.39 44.97
C TYR C 75 -14.40 3.45 44.91
N ASP C 76 -14.05 4.63 45.38
CA ASP C 76 -14.99 5.72 45.39
C ASP C 76 -14.40 7.05 44.94
N CYS C 77 -15.19 7.80 44.17
CA CYS C 77 -14.77 9.12 43.73
C CYS C 77 -15.82 10.04 44.30
N THR C 78 -15.46 10.78 45.34
CA THR C 78 -16.38 11.69 45.97
C THR C 78 -15.74 13.04 46.08
N ASP C 79 -16.29 14.01 45.36
CA ASP C 79 -15.78 15.38 45.37
C ASP C 79 -14.30 15.47 44.99
N GLY C 80 -13.95 14.84 43.87
CA GLY C 80 -12.58 14.87 43.39
C GLY C 80 -11.58 14.07 44.20
N LYS C 81 -12.07 13.33 45.19
CA LYS C 81 -11.19 12.54 46.03
C LYS C 81 -11.49 11.05 45.79
N LEU C 82 -10.43 10.25 45.68
CA LEU C 82 -10.54 8.82 45.43
C LEU C 82 -10.18 7.98 46.65
N THR C 83 -11.01 7.00 46.96
CA THR C 83 -10.76 6.14 48.09
C THR C 83 -10.86 4.68 47.64
N CYS C 84 -9.88 3.86 48.00
CA CYS C 84 -9.89 2.44 47.68
C CYS C 84 -10.55 1.73 48.86
N ASN C 85 -11.62 1.01 48.58
CA ASN C 85 -12.39 0.35 49.64
C ASN C 85 -12.19 -1.14 49.96
N ASP C 86 -11.47 -1.88 49.13
CA ASP C 86 -11.27 -3.30 49.40
C ASP C 86 -10.57 -3.59 50.71
N GLN C 87 -11.05 -4.60 51.42
CA GLN C 87 -10.46 -5.02 52.69
C GLN C 87 -10.20 -6.52 52.63
N ASN C 88 -11.14 -7.24 52.01
CA ASN C 88 -11.03 -8.69 51.89
C ASN C 88 -10.04 -9.16 50.83
N ASP C 89 -10.06 -8.53 49.67
CA ASP C 89 -9.16 -8.92 48.60
C ASP C 89 -8.03 -7.93 48.45
N LYS C 90 -6.87 -8.28 48.99
CA LYS C 90 -5.69 -7.43 48.94
C LYS C 90 -5.10 -7.21 47.55
N CYS C 91 -5.46 -8.06 46.59
CA CYS C 91 -4.94 -7.90 45.24
C CYS C 91 -5.73 -6.77 44.57
N LYS C 92 -7.04 -6.76 44.78
CA LYS C 92 -7.88 -5.72 44.23
C LYS C 92 -7.49 -4.41 44.89
N LEU C 93 -7.13 -4.47 46.17
CA LEU C 93 -6.75 -3.28 46.91
C LEU C 93 -5.44 -2.70 46.40
N PHE C 94 -4.51 -3.59 46.04
CA PHE C 94 -3.22 -3.14 45.53
C PHE C 94 -3.42 -2.48 44.17
N ILE C 95 -4.20 -3.14 43.31
CA ILE C 95 -4.47 -2.66 41.98
C ILE C 95 -5.17 -1.29 42.04
N CYS C 96 -6.14 -1.18 42.95
CA CYS C 96 -6.88 0.06 43.11
C CYS C 96 -5.91 1.19 43.47
N ASN C 97 -4.97 0.89 44.36
CA ASN C 97 -3.99 1.87 44.78
C ASN C 97 -3.02 2.27 43.66
N CYS C 98 -2.70 1.34 42.76
CA CYS C 98 -1.83 1.67 41.65
C CYS C 98 -2.57 2.70 40.78
N ASP C 99 -3.84 2.43 40.51
CA ASP C 99 -4.63 3.33 39.69
C ASP C 99 -4.84 4.67 40.40
N ARG C 100 -5.16 4.63 41.68
CA ARG C 100 -5.38 5.85 42.44
C ARG C 100 -4.17 6.81 42.46
N THR C 101 -3.00 6.33 42.87
CA THR C 101 -1.86 7.24 42.90
C THR C 101 -1.48 7.73 41.50
N ALA C 102 -1.71 6.90 40.49
CA ALA C 102 -1.42 7.29 39.14
C ALA C 102 -2.35 8.43 38.71
N ALA C 103 -3.64 8.25 38.98
CA ALA C 103 -4.63 9.26 38.62
C ALA C 103 -4.34 10.59 39.30
N MET C 104 -3.92 10.52 40.57
CA MET C 104 -3.61 11.72 41.32
C MET C 104 -2.32 12.37 40.84
N CYS C 105 -1.39 11.53 40.37
CA CYS C 105 -0.09 11.97 39.84
C CYS C 105 -0.31 12.69 38.52
N PHE C 106 -1.20 12.14 37.71
CA PHE C 106 -1.55 12.74 36.42
C PHE C 106 -2.07 14.16 36.64
N ALA C 107 -2.88 14.34 37.67
CA ALA C 107 -3.51 15.62 37.98
C ALA C 107 -2.56 16.74 38.43
N LYS C 108 -1.37 16.36 38.89
CA LYS C 108 -0.35 17.29 39.36
C LYS C 108 0.65 17.59 38.26
N ALA C 109 0.50 16.88 37.14
CA ALA C 109 1.45 17.03 36.06
C ALA C 109 0.93 17.83 34.88
N PRO C 110 1.76 18.73 34.34
CA PRO C 110 1.37 19.53 33.19
C PRO C 110 1.17 18.61 32.00
N TYR C 111 0.10 18.84 31.24
CA TYR C 111 -0.17 18.02 30.07
C TYR C 111 0.21 18.75 28.77
N ASN C 112 1.19 18.20 28.05
CA ASN C 112 1.60 18.80 26.79
C ASN C 112 1.03 17.98 25.65
N GLU C 113 0.16 18.62 24.88
CA GLU C 113 -0.51 17.98 23.75
C GLU C 113 0.46 17.57 22.66
N ALA C 114 1.59 18.27 22.58
CA ALA C 114 2.60 17.96 21.57
C ALA C 114 3.25 16.58 21.79
N TYR C 115 3.14 16.05 23.01
CA TYR C 115 3.74 14.76 23.32
C TYR C 115 2.84 13.59 22.98
N ASN C 116 1.63 13.89 22.51
CA ASN C 116 0.67 12.85 22.11
C ASN C 116 1.22 12.08 20.91
N HIS C 117 0.98 10.77 20.90
CA HIS C 117 1.44 9.91 19.83
C HIS C 117 2.90 10.20 19.49
N PHE C 118 3.72 10.25 20.53
CA PHE C 118 5.15 10.51 20.41
C PHE C 118 5.86 9.36 19.70
N ASN C 119 6.86 9.68 18.87
CA ASN C 119 7.63 8.68 18.14
C ASN C 119 8.54 7.95 19.13
N ARG C 120 8.04 6.85 19.66
CA ARG C 120 8.76 6.09 20.67
C ARG C 120 10.16 5.59 20.36
N GLN C 121 10.61 5.69 19.12
CA GLN C 121 11.97 5.26 18.82
C GLN C 121 12.96 6.31 19.32
N LEU C 122 12.44 7.50 19.65
CA LEU C 122 13.27 8.58 20.17
C LEU C 122 13.42 8.38 21.69
N CYS C 123 12.76 7.37 22.21
CA CYS C 123 12.79 7.06 23.64
C CYS C 123 13.89 6.06 24.01
N LYS C 124 15.16 6.35 23.71
CA LYS C 124 16.23 5.42 24.09
C LYS C 124 17.43 6.22 24.57
N ASN D 1 26.32 -23.82 -15.23
CA ASN D 1 25.70 -22.79 -14.35
C ASN D 1 24.35 -22.29 -14.90
N LEU D 2 23.70 -21.42 -14.14
CA LEU D 2 22.40 -20.88 -14.51
C LEU D 2 22.32 -20.40 -15.95
N LEU D 3 23.31 -19.61 -16.33
CA LEU D 3 23.37 -19.07 -17.68
C LEU D 3 23.60 -20.15 -18.72
N GLN D 4 24.41 -21.15 -18.38
CA GLN D 4 24.66 -22.24 -19.32
C GLN D 4 23.35 -23.03 -19.58
N PHE D 5 22.55 -23.23 -18.55
CA PHE D 5 21.28 -23.92 -18.71
C PHE D 5 20.41 -23.09 -19.65
N ARG D 6 20.37 -21.78 -19.42
CA ARG D 6 19.59 -20.89 -20.27
C ARG D 6 20.03 -21.04 -21.72
N ASN D 7 21.34 -21.05 -21.95
CA ASN D 7 21.86 -21.17 -23.30
C ASN D 7 21.57 -22.55 -23.90
N MET D 8 21.52 -23.58 -23.06
CA MET D 8 21.22 -24.92 -23.55
C MET D 8 19.79 -24.97 -24.09
N ILE D 9 18.89 -24.24 -23.44
CA ILE D 9 17.50 -24.18 -23.85
C ILE D 9 17.42 -23.47 -25.21
N LYS D 10 18.23 -22.43 -25.40
CA LYS D 10 18.25 -21.70 -26.66
C LYS D 10 18.71 -22.66 -27.76
N CYS D 11 19.58 -23.59 -27.40
CA CYS D 11 20.10 -24.58 -28.34
C CYS D 11 19.00 -25.55 -28.79
N THR D 12 18.20 -26.05 -27.85
CA THR D 12 17.13 -26.99 -28.20
C THR D 12 15.89 -26.29 -28.68
N ILE D 13 15.68 -25.04 -28.25
CA ILE D 13 14.51 -24.24 -28.64
C ILE D 13 14.92 -22.86 -29.17
N PRO D 14 15.34 -22.79 -30.44
CA PRO D 14 15.75 -21.52 -31.06
C PRO D 14 14.61 -20.48 -31.12
N GLY D 15 14.98 -19.21 -31.05
CA GLY D 15 14.01 -18.13 -31.12
C GLY D 15 12.96 -18.11 -30.02
N ARG D 16 13.39 -17.78 -28.80
CA ARG D 16 12.48 -17.76 -27.67
C ARG D 16 13.37 -17.60 -26.44
N GLU D 17 13.17 -16.52 -25.68
CA GLU D 17 13.97 -16.25 -24.49
C GLU D 17 13.56 -17.09 -23.29
N PRO D 18 14.34 -18.14 -22.97
CA PRO D 18 14.13 -19.06 -21.84
C PRO D 18 13.76 -18.42 -20.50
N LEU D 19 14.43 -17.34 -20.13
CA LEU D 19 14.13 -16.69 -18.85
C LEU D 19 12.75 -16.09 -18.98
N LEU D 20 12.42 -15.71 -20.21
CA LEU D 20 11.15 -15.09 -20.54
C LEU D 20 10.14 -16.13 -21.03
N ALA D 21 10.05 -17.25 -20.33
CA ALA D 21 9.13 -18.30 -20.74
C ALA D 21 9.12 -19.51 -19.79
N PHE D 22 10.28 -19.85 -19.24
CA PHE D 22 10.40 -20.98 -18.32
C PHE D 22 10.71 -20.56 -16.89
N SER D 23 11.07 -19.30 -16.69
CA SER D 23 11.44 -18.79 -15.36
C SER D 23 10.39 -18.98 -14.28
N ASN D 24 9.13 -18.85 -14.65
CA ASN D 24 8.06 -18.99 -13.67
C ASN D 24 6.88 -19.64 -14.34
N TYR D 25 6.99 -20.94 -14.59
CA TYR D 25 5.97 -21.71 -15.28
C TYR D 25 5.45 -22.89 -14.47
N GLY D 26 4.14 -23.03 -14.43
CA GLY D 26 3.54 -24.14 -13.72
C GLY D 26 3.87 -24.21 -12.26
N CYS D 27 4.04 -25.45 -11.78
CA CYS D 27 4.33 -25.71 -10.39
C CYS D 27 5.80 -25.97 -10.06
N TYR D 28 6.61 -26.27 -11.07
CA TYR D 28 8.02 -26.56 -10.84
C TYR D 28 9.04 -25.75 -11.64
N CYS D 29 8.64 -25.15 -12.75
CA CYS D 29 9.60 -24.39 -13.54
C CYS D 29 9.96 -23.04 -12.93
N GLY D 30 11.20 -22.92 -12.48
CA GLY D 30 11.63 -21.67 -11.90
C GLY D 30 12.36 -21.83 -10.58
N LYS D 31 11.65 -21.57 -9.47
CA LYS D 31 12.28 -21.67 -8.16
C LYS D 31 11.42 -22.39 -7.14
N GLY D 32 11.97 -23.48 -6.59
CA GLY D 32 11.27 -24.27 -5.58
C GLY D 32 9.81 -24.58 -5.87
N GLY D 33 9.57 -25.69 -6.57
CA GLY D 33 8.21 -26.05 -6.87
C GLY D 33 7.67 -27.15 -5.97
N SER D 34 6.34 -27.26 -5.93
CA SER D 34 5.67 -28.28 -5.12
C SER D 34 4.41 -28.75 -5.82
N GLY D 35 3.88 -29.88 -5.36
CA GLY D 35 2.66 -30.40 -5.94
C GLY D 35 2.83 -31.31 -7.14
N THR D 36 1.88 -31.22 -8.07
CA THR D 36 1.89 -32.03 -9.27
C THR D 36 2.05 -31.17 -10.52
N PRO D 37 2.91 -31.59 -11.47
CA PRO D 37 3.11 -30.81 -12.70
C PRO D 37 1.81 -30.59 -13.47
N VAL D 38 1.66 -29.39 -14.03
CA VAL D 38 0.47 -29.05 -14.81
C VAL D 38 0.50 -29.62 -16.21
N ASP D 39 1.66 -30.08 -16.66
CA ASP D 39 1.82 -30.70 -17.99
C ASP D 39 3.19 -31.35 -18.13
N GLU D 40 3.54 -31.71 -19.37
CA GLU D 40 4.83 -32.36 -19.63
C GLU D 40 6.03 -31.44 -19.40
N LEU D 41 5.91 -30.19 -19.84
CA LEU D 41 6.99 -29.23 -19.67
C LEU D 41 7.31 -29.15 -18.18
N ASP D 42 6.28 -28.84 -17.40
CA ASP D 42 6.42 -28.70 -15.96
C ASP D 42 7.10 -29.92 -15.32
N ARG D 43 6.76 -31.12 -15.78
CA ARG D 43 7.38 -32.30 -15.21
C ARG D 43 8.85 -32.34 -15.54
N CYS D 44 9.22 -31.82 -16.71
CA CYS D 44 10.63 -31.76 -17.09
C CYS D 44 11.34 -30.98 -16.00
N CYS D 45 10.72 -29.90 -15.56
CA CYS D 45 11.30 -29.07 -14.51
C CYS D 45 11.31 -29.78 -13.16
N GLN D 46 10.30 -30.60 -12.90
CA GLN D 46 10.23 -31.34 -11.65
C GLN D 46 11.43 -32.30 -11.61
N THR D 47 11.64 -33.01 -12.72
CA THR D 47 12.74 -33.95 -12.83
C THR D 47 14.08 -33.22 -12.73
N HIS D 48 14.15 -32.03 -13.33
CA HIS D 48 15.37 -31.24 -13.28
C HIS D 48 15.72 -30.99 -11.81
N ASP D 49 14.72 -30.60 -11.02
CA ASP D 49 14.92 -30.34 -9.60
C ASP D 49 15.54 -31.56 -8.93
N ASN D 50 14.92 -32.71 -9.17
CA ASN D 50 15.41 -33.93 -8.58
C ASN D 50 16.87 -34.22 -8.96
N CYS D 51 17.25 -33.90 -10.19
CA CYS D 51 18.62 -34.16 -10.65
C CYS D 51 19.60 -33.33 -9.84
N TYR D 52 19.29 -32.05 -9.69
CA TYR D 52 20.09 -31.13 -8.92
C TYR D 52 20.20 -31.64 -7.49
N ASP D 53 19.08 -32.07 -6.93
CA ASP D 53 19.09 -32.60 -5.57
C ASP D 53 20.10 -33.73 -5.47
N LYS D 54 20.21 -34.52 -6.53
CA LYS D 54 21.14 -35.64 -6.57
C LYS D 54 22.58 -35.15 -6.67
N ALA D 55 22.79 -34.05 -7.40
CA ALA D 55 24.13 -33.52 -7.56
C ALA D 55 24.69 -33.03 -6.22
N GLU D 56 23.84 -32.42 -5.39
CA GLU D 56 24.27 -31.91 -4.11
C GLU D 56 24.79 -33.01 -3.20
N LYS D 57 24.47 -34.25 -3.50
CA LYS D 57 24.90 -35.38 -2.68
C LYS D 57 25.97 -36.20 -3.36
N LEU D 58 26.19 -35.94 -4.63
CA LEU D 58 27.20 -36.65 -5.40
C LEU D 58 28.56 -36.51 -4.72
N PRO D 59 29.23 -37.64 -4.47
CA PRO D 59 30.53 -37.62 -3.83
C PRO D 59 31.49 -36.61 -4.45
N GLU D 60 31.51 -36.56 -5.77
CA GLU D 60 32.41 -35.65 -6.48
C GLU D 60 32.01 -34.19 -6.39
N CYS D 61 30.78 -33.92 -5.97
CA CYS D 61 30.34 -32.53 -5.85
C CYS D 61 30.69 -32.02 -4.45
N LYS D 62 31.83 -31.37 -4.34
CA LYS D 62 32.28 -30.88 -3.05
C LYS D 62 33.20 -29.68 -3.31
N GLY D 63 32.94 -28.55 -2.67
CA GLY D 63 33.79 -27.39 -2.86
C GLY D 63 33.02 -26.10 -3.00
N ILE D 64 33.72 -24.98 -2.88
CA ILE D 64 33.06 -23.69 -2.99
C ILE D 64 32.52 -23.44 -4.39
N LEU D 65 31.29 -22.95 -4.43
CA LEU D 65 30.59 -22.65 -5.67
C LEU D 65 30.49 -23.82 -6.65
N SER D 66 30.58 -25.04 -6.15
CA SER D 66 30.46 -26.21 -7.00
C SER D 66 28.97 -26.59 -7.13
N GLY D 67 28.11 -25.67 -6.69
CA GLY D 67 26.68 -25.88 -6.77
C GLY D 67 26.16 -25.64 -8.17
N PRO D 68 25.07 -26.31 -8.59
CA PRO D 68 24.44 -26.21 -9.91
C PRO D 68 24.21 -24.79 -10.40
N TYR D 69 23.99 -23.86 -9.48
CA TYR D 69 23.73 -22.48 -9.85
C TYR D 69 24.98 -21.75 -10.35
N PHE D 70 26.13 -22.03 -9.74
CA PHE D 70 27.37 -21.35 -10.10
C PHE D 70 28.42 -22.19 -10.80
N ASN D 71 28.34 -23.51 -10.67
CA ASN D 71 29.33 -24.39 -11.26
C ASN D 71 29.32 -24.35 -12.79
N THR D 72 30.42 -23.86 -13.36
CA THR D 72 30.57 -23.75 -14.80
C THR D 72 31.16 -25.03 -15.36
N TYR D 73 30.39 -25.72 -16.20
CA TYR D 73 30.86 -26.95 -16.81
C TYR D 73 31.23 -26.69 -18.26
N SER D 74 31.64 -27.73 -18.98
CA SER D 74 31.99 -27.57 -20.38
C SER D 74 31.04 -28.42 -21.25
N TYR D 75 30.44 -27.77 -22.24
CA TYR D 75 29.50 -28.43 -23.13
C TYR D 75 29.53 -27.70 -24.46
N ASP D 76 28.92 -28.30 -25.48
CA ASP D 76 28.87 -27.67 -26.77
C ASP D 76 27.47 -27.79 -27.37
N CYS D 77 27.10 -26.76 -28.13
CA CYS D 77 25.83 -26.76 -28.81
C CYS D 77 26.19 -26.68 -30.27
N THR D 78 26.06 -27.80 -30.97
CA THR D 78 26.38 -27.83 -32.38
C THR D 78 25.19 -28.37 -33.16
N ASP D 79 24.62 -27.52 -34.00
CA ASP D 79 23.47 -27.88 -34.81
C ASP D 79 22.31 -28.43 -33.99
N GLY D 80 21.90 -27.66 -32.99
CA GLY D 80 20.79 -28.05 -32.13
C GLY D 80 21.02 -29.28 -31.27
N LYS D 81 22.25 -29.76 -31.23
CA LYS D 81 22.57 -30.93 -30.43
C LYS D 81 23.56 -30.52 -29.33
N LEU D 82 23.33 -30.99 -28.11
CA LEU D 82 24.17 -30.65 -26.96
C LEU D 82 25.03 -31.81 -26.49
N THR D 83 26.28 -31.51 -26.18
CA THR D 83 27.21 -32.52 -25.69
C THR D 83 27.93 -32.01 -24.46
N CYS D 84 28.02 -32.86 -23.43
CA CYS D 84 28.73 -32.51 -22.21
C CYS D 84 30.16 -33.06 -22.36
N ASN D 85 31.13 -32.16 -22.39
CA ASN D 85 32.52 -32.54 -22.59
C ASN D 85 33.44 -32.81 -21.38
N ASP D 86 32.96 -32.57 -20.17
CA ASP D 86 33.79 -32.80 -18.98
C ASP D 86 34.27 -34.24 -18.82
N GLN D 87 35.54 -34.39 -18.49
CA GLN D 87 36.11 -35.72 -18.28
C GLN D 87 36.73 -35.84 -16.87
N ASN D 88 37.36 -34.76 -16.43
CA ASN D 88 38.02 -34.74 -15.14
C ASN D 88 37.12 -34.46 -13.94
N ASP D 89 36.31 -33.41 -14.03
CA ASP D 89 35.43 -33.05 -12.91
C ASP D 89 34.05 -33.66 -13.11
N LYS D 90 33.83 -34.81 -12.47
CA LYS D 90 32.57 -35.53 -12.58
C LYS D 90 31.35 -34.81 -12.00
N CYS D 91 31.58 -33.77 -11.21
CA CYS D 91 30.49 -33.01 -10.63
C CYS D 91 29.96 -32.07 -11.72
N LYS D 92 30.88 -31.45 -12.45
CA LYS D 92 30.51 -30.57 -13.53
C LYS D 92 29.80 -31.39 -14.60
N LEU D 93 30.21 -32.64 -14.75
CA LEU D 93 29.62 -33.52 -15.74
C LEU D 93 28.21 -33.93 -15.35
N PHE D 94 28.00 -34.22 -14.07
CA PHE D 94 26.67 -34.63 -13.65
C PHE D 94 25.73 -33.45 -13.87
N ILE D 95 26.16 -32.28 -13.41
CA ILE D 95 25.39 -31.05 -13.53
C ILE D 95 25.07 -30.76 -14.99
N CYS D 96 26.07 -30.87 -15.86
CA CYS D 96 25.89 -30.62 -17.27
C CYS D 96 24.80 -31.53 -17.83
N ASN D 97 24.83 -32.79 -17.40
CA ASN D 97 23.86 -33.77 -17.85
C ASN D 97 22.45 -33.46 -17.36
N CYS D 98 22.33 -32.89 -16.16
CA CYS D 98 21.03 -32.51 -15.63
C CYS D 98 20.42 -31.48 -16.58
N ASP D 99 21.19 -30.44 -16.87
CA ASP D 99 20.75 -29.36 -17.75
C ASP D 99 20.46 -29.85 -19.18
N ARG D 100 21.33 -30.71 -19.71
CA ARG D 100 21.17 -31.25 -21.05
C ARG D 100 19.84 -32.00 -21.19
N THR D 101 19.60 -32.91 -20.27
CA THR D 101 18.39 -33.72 -20.26
C THR D 101 17.15 -32.83 -20.18
N ALA D 102 17.23 -31.81 -19.35
CA ALA D 102 16.13 -30.86 -19.17
C ALA D 102 15.87 -30.04 -20.43
N ALA D 103 16.92 -29.45 -20.98
CA ALA D 103 16.78 -28.63 -22.18
C ALA D 103 16.17 -29.47 -23.29
N MET D 104 16.62 -30.71 -23.41
CA MET D 104 16.10 -31.60 -24.43
C MET D 104 14.67 -32.03 -24.12
N CYS D 105 14.34 -32.11 -22.83
CA CYS D 105 13.01 -32.49 -22.39
C CYS D 105 12.06 -31.34 -22.72
N PHE D 106 12.53 -30.12 -22.49
CA PHE D 106 11.73 -28.93 -22.81
C PHE D 106 11.38 -28.90 -24.30
N ALA D 107 12.32 -29.28 -25.15
CA ALA D 107 12.12 -29.25 -26.60
C ALA D 107 11.04 -30.19 -27.15
N LYS D 108 10.71 -31.23 -26.39
CA LYS D 108 9.70 -32.19 -26.81
C LYS D 108 8.38 -31.98 -26.07
N ALA D 109 8.22 -30.83 -25.44
CA ALA D 109 7.00 -30.59 -24.68
C ALA D 109 6.21 -29.38 -25.12
N PRO D 110 4.89 -29.51 -25.23
CA PRO D 110 4.05 -28.40 -25.62
C PRO D 110 4.16 -27.29 -24.60
N TYR D 111 4.31 -26.05 -25.07
CA TYR D 111 4.42 -24.90 -24.18
C TYR D 111 3.11 -24.12 -24.14
N ASN D 112 2.51 -24.00 -22.97
CA ASN D 112 1.25 -23.27 -22.82
C ASN D 112 1.49 -21.93 -22.10
N GLU D 113 1.27 -20.82 -22.78
CA GLU D 113 1.48 -19.49 -22.18
C GLU D 113 0.56 -19.25 -21.01
N ALA D 114 -0.60 -19.91 -21.00
CA ALA D 114 -1.55 -19.73 -19.91
C ALA D 114 -1.05 -20.29 -18.58
N TYR D 115 -0.08 -21.20 -18.65
CA TYR D 115 0.48 -21.81 -17.44
C TYR D 115 1.65 -20.99 -16.90
N ASN D 116 1.97 -19.91 -17.61
CA ASN D 116 3.06 -19.03 -17.20
C ASN D 116 2.57 -18.23 -15.98
N HIS D 117 3.41 -18.13 -14.96
CA HIS D 117 3.05 -17.42 -13.74
C HIS D 117 1.76 -17.98 -13.18
N PHE D 118 1.75 -19.30 -13.01
CA PHE D 118 0.60 -20.04 -12.48
C PHE D 118 0.52 -19.81 -10.97
N ASN D 119 -0.68 -19.62 -10.46
CA ASN D 119 -0.87 -19.42 -9.02
C ASN D 119 -0.51 -20.74 -8.33
N ARG D 120 0.61 -20.78 -7.64
CA ARG D 120 1.05 -22.02 -7.02
C ARG D 120 0.29 -22.55 -5.81
N GLN D 121 -0.72 -21.81 -5.34
CA GLN D 121 -1.51 -22.29 -4.22
C GLN D 121 -2.38 -23.44 -4.75
N LEU D 122 -2.48 -23.54 -6.08
CA LEU D 122 -3.28 -24.57 -6.73
C LEU D 122 -2.45 -25.83 -6.95
N CYS D 123 -1.16 -25.75 -6.63
CA CYS D 123 -0.24 -26.87 -6.81
C CYS D 123 -0.18 -27.83 -5.64
N LYS D 124 -1.33 -28.23 -5.11
CA LYS D 124 -1.31 -29.18 -4.00
C LYS D 124 -2.33 -30.28 -4.22
N ASN E 1 -19.06 -27.07 -2.63
CA ASN E 1 -17.73 -26.44 -2.40
C ASN E 1 -17.10 -25.85 -3.66
N LEU E 2 -16.06 -25.03 -3.49
CA LEU E 2 -15.39 -24.39 -4.60
C LEU E 2 -14.92 -25.34 -5.69
N LEU E 3 -14.46 -26.52 -5.31
CA LEU E 3 -13.99 -27.48 -6.30
C LEU E 3 -15.16 -27.94 -7.15
N GLN E 4 -16.34 -28.03 -6.54
CA GLN E 4 -17.53 -28.43 -7.27
C GLN E 4 -17.95 -27.30 -8.21
N PHE E 5 -17.81 -26.07 -7.72
CA PHE E 5 -18.16 -24.88 -8.50
C PHE E 5 -17.35 -24.82 -9.80
N ARG E 6 -16.06 -25.15 -9.70
CA ARG E 6 -15.20 -25.17 -10.87
C ARG E 6 -15.74 -26.19 -11.88
N ASN E 7 -16.18 -27.34 -11.38
CA ASN E 7 -16.71 -28.35 -12.25
C ASN E 7 -18.06 -27.97 -12.84
N MET E 8 -18.84 -27.17 -12.14
CA MET E 8 -20.12 -26.74 -12.68
C MET E 8 -19.86 -25.85 -13.88
N ILE E 9 -18.80 -25.06 -13.80
CA ILE E 9 -18.44 -24.17 -14.89
C ILE E 9 -17.93 -24.99 -16.08
N LYS E 10 -17.21 -26.09 -15.80
CA LYS E 10 -16.71 -26.95 -16.86
C LYS E 10 -17.93 -27.56 -17.54
N CYS E 11 -19.02 -27.65 -16.78
CA CYS E 11 -20.27 -28.21 -17.31
C CYS E 11 -20.92 -27.26 -18.32
N THR E 12 -21.05 -25.98 -17.95
CA THR E 12 -21.68 -25.00 -18.85
C THR E 12 -20.75 -24.33 -19.87
N ILE E 13 -19.44 -24.49 -19.69
CA ILE E 13 -18.45 -23.90 -20.59
C ILE E 13 -17.32 -24.91 -20.77
N PRO E 14 -17.53 -25.96 -21.57
CA PRO E 14 -16.57 -27.03 -21.85
C PRO E 14 -15.06 -26.80 -22.05
N GLY E 15 -14.68 -25.90 -22.95
CA GLY E 15 -13.26 -25.69 -23.22
C GLY E 15 -12.35 -25.01 -22.21
N ARG E 16 -12.85 -24.01 -21.47
CA ARG E 16 -11.98 -23.36 -20.53
C ARG E 16 -11.75 -24.03 -19.21
N GLU E 17 -10.54 -23.78 -18.71
CA GLU E 17 -10.13 -24.24 -17.41
C GLU E 17 -10.60 -23.04 -16.65
N PRO E 18 -11.64 -23.20 -15.81
CA PRO E 18 -12.19 -22.09 -15.04
C PRO E 18 -11.14 -21.26 -14.30
N LEU E 19 -10.11 -21.92 -13.80
CA LEU E 19 -9.04 -21.27 -13.04
C LEU E 19 -8.19 -20.32 -13.88
N LEU E 20 -8.30 -20.43 -15.19
CA LEU E 20 -7.52 -19.57 -16.06
C LEU E 20 -8.34 -18.40 -16.58
N ALA E 21 -9.63 -18.61 -16.72
CA ALA E 21 -10.48 -17.57 -17.25
C ALA E 21 -11.25 -16.74 -16.22
N PHE E 22 -11.66 -17.37 -15.12
CA PHE E 22 -12.46 -16.68 -14.12
C PHE E 22 -11.81 -16.47 -12.73
N SER E 23 -10.49 -16.59 -12.63
CA SER E 23 -9.82 -16.42 -11.34
C SER E 23 -9.36 -15.00 -11.04
N ASN E 24 -9.00 -14.27 -12.08
CA ASN E 24 -8.55 -12.90 -11.92
C ASN E 24 -9.22 -12.00 -12.95
N TYR E 25 -10.50 -12.24 -13.17
CA TYR E 25 -11.24 -11.45 -14.15
C TYR E 25 -12.00 -10.28 -13.51
N GLY E 26 -11.78 -9.10 -14.08
CA GLY E 26 -12.44 -7.89 -13.57
C GLY E 26 -12.14 -7.57 -12.13
N CYS E 27 -13.13 -7.05 -11.44
CA CYS E 27 -12.98 -6.67 -10.04
C CYS E 27 -13.52 -7.69 -9.04
N TYR E 28 -14.47 -8.51 -9.47
CA TYR E 28 -15.07 -9.48 -8.56
C TYR E 28 -14.82 -10.96 -8.76
N CYS E 29 -14.43 -11.41 -9.94
CA CYS E 29 -14.24 -12.85 -10.13
C CYS E 29 -13.00 -13.41 -9.44
N GLY E 30 -13.17 -14.54 -8.78
CA GLY E 30 -12.07 -15.16 -8.10
C GLY E 30 -11.97 -14.76 -6.65
N LYS E 31 -13.04 -14.15 -6.13
CA LYS E 31 -13.07 -13.72 -4.74
C LYS E 31 -12.10 -12.55 -4.48
N GLY E 32 -12.58 -11.59 -3.70
CA GLY E 32 -11.85 -10.37 -3.42
C GLY E 32 -12.75 -9.42 -4.19
N GLY E 33 -13.50 -8.57 -3.49
CA GLY E 33 -14.43 -7.71 -4.20
C GLY E 33 -14.07 -6.26 -4.41
N SER E 34 -14.90 -5.39 -3.86
CA SER E 34 -14.72 -3.94 -3.95
C SER E 34 -14.87 -3.46 -5.39
N GLY E 35 -14.98 -2.15 -5.54
CA GLY E 35 -15.11 -1.56 -6.86
C GLY E 35 -16.43 -1.81 -7.55
N THR E 36 -16.48 -1.41 -8.81
CA THR E 36 -17.67 -1.55 -9.62
C THR E 36 -17.43 -2.63 -10.67
N PRO E 37 -18.38 -3.56 -10.84
CA PRO E 37 -18.19 -4.61 -11.84
C PRO E 37 -17.88 -3.99 -13.21
N VAL E 38 -16.90 -4.54 -13.92
CA VAL E 38 -16.49 -4.01 -15.22
C VAL E 38 -17.40 -4.37 -16.39
N ASP E 39 -18.08 -5.52 -16.31
CA ASP E 39 -18.98 -5.95 -17.36
C ASP E 39 -19.97 -6.99 -16.84
N GLU E 40 -20.77 -7.54 -17.74
CA GLU E 40 -21.76 -8.55 -17.38
C GLU E 40 -21.10 -9.72 -16.63
N LEU E 41 -19.99 -10.22 -17.16
CA LEU E 41 -19.29 -11.34 -16.54
C LEU E 41 -18.95 -10.97 -15.10
N ASP E 42 -18.33 -9.81 -14.93
CA ASP E 42 -17.94 -9.35 -13.60
C ASP E 42 -19.16 -9.27 -12.68
N ARG E 43 -20.33 -8.91 -13.24
CA ARG E 43 -21.59 -8.80 -12.48
C ARG E 43 -21.91 -10.14 -11.88
N CYS E 44 -21.84 -11.16 -12.75
CA CYS E 44 -22.10 -12.52 -12.34
C CYS E 44 -21.31 -12.85 -11.08
N CYS E 45 -20.03 -12.51 -11.07
CA CYS E 45 -19.19 -12.79 -9.92
C CYS E 45 -19.60 -11.99 -8.67
N GLN E 46 -19.95 -10.72 -8.85
CA GLN E 46 -20.39 -9.93 -7.71
C GLN E 46 -21.67 -10.56 -7.16
N THR E 47 -22.59 -10.92 -8.03
CA THR E 47 -23.83 -11.56 -7.60
C THR E 47 -23.52 -12.87 -6.88
N HIS E 48 -22.47 -13.54 -7.31
CA HIS E 48 -22.08 -14.80 -6.69
C HIS E 48 -21.61 -14.56 -5.26
N ASP E 49 -20.86 -13.48 -5.04
CA ASP E 49 -20.40 -13.16 -3.69
C ASP E 49 -21.62 -12.92 -2.81
N ASN E 50 -22.48 -12.01 -3.25
CA ASN E 50 -23.70 -11.68 -2.51
C ASN E 50 -24.35 -12.96 -2.06
N CYS E 51 -24.51 -13.87 -3.01
CA CYS E 51 -25.13 -15.15 -2.72
C CYS E 51 -24.40 -15.84 -1.55
N TYR E 52 -23.08 -15.89 -1.60
CA TYR E 52 -22.33 -16.52 -0.52
C TYR E 52 -22.57 -15.77 0.80
N ASP E 53 -22.71 -14.46 0.71
CA ASP E 53 -22.96 -13.63 1.88
C ASP E 53 -24.24 -14.07 2.56
N LYS E 54 -25.29 -14.29 1.77
CA LYS E 54 -26.59 -14.71 2.29
C LYS E 54 -26.50 -16.09 2.89
N ALA E 55 -25.78 -16.98 2.21
CA ALA E 55 -25.65 -18.36 2.67
C ALA E 55 -25.13 -18.40 4.09
N GLU E 56 -24.17 -17.54 4.41
CA GLU E 56 -23.59 -17.52 5.74
C GLU E 56 -24.60 -17.02 6.78
N LYS E 57 -25.77 -16.59 6.30
CA LYS E 57 -26.83 -16.06 7.17
C LYS E 57 -28.08 -16.93 7.24
N LEU E 58 -28.20 -17.88 6.32
CA LEU E 58 -29.37 -18.75 6.29
C LEU E 58 -29.50 -19.55 7.59
N PRO E 59 -30.67 -19.46 8.26
CA PRO E 59 -30.85 -20.20 9.51
C PRO E 59 -30.46 -21.66 9.31
N GLU E 60 -30.75 -22.17 8.12
CA GLU E 60 -30.49 -23.55 7.80
C GLU E 60 -29.00 -23.91 7.71
N CYS E 61 -28.12 -22.90 7.74
CA CYS E 61 -26.67 -23.14 7.66
C CYS E 61 -25.88 -22.96 8.97
N LYS E 62 -25.52 -24.07 9.59
CA LYS E 62 -24.72 -24.05 10.80
C LYS E 62 -23.94 -25.35 10.90
N GLY E 63 -22.88 -25.35 11.68
CA GLY E 63 -22.07 -26.54 11.82
C GLY E 63 -20.73 -26.43 11.11
N ILE E 64 -19.78 -27.26 11.51
CA ILE E 64 -18.46 -27.26 10.90
C ILE E 64 -18.57 -27.55 9.40
N LEU E 65 -17.84 -26.77 8.62
CA LEU E 65 -17.83 -26.87 7.17
C LEU E 65 -19.20 -26.75 6.51
N SER E 66 -19.99 -25.77 6.95
CA SER E 66 -21.28 -25.55 6.32
C SER E 66 -21.18 -24.32 5.41
N GLY E 67 -20.01 -23.67 5.43
CA GLY E 67 -19.77 -22.49 4.62
C GLY E 67 -19.80 -22.81 3.15
N PRO E 68 -20.10 -21.83 2.28
CA PRO E 68 -20.15 -22.09 0.84
C PRO E 68 -18.86 -22.58 0.16
N TYR E 69 -17.71 -22.26 0.75
CA TYR E 69 -16.42 -22.69 0.21
C TYR E 69 -16.15 -24.18 0.35
N PHE E 70 -16.45 -24.72 1.53
CA PHE E 70 -16.19 -26.12 1.84
C PHE E 70 -17.37 -27.06 1.98
N ASN E 71 -18.59 -26.53 1.95
CA ASN E 71 -19.78 -27.35 2.11
C ASN E 71 -20.03 -28.14 0.82
N THR E 72 -19.83 -29.45 0.89
CA THR E 72 -20.03 -30.32 -0.25
C THR E 72 -21.51 -30.64 -0.47
N TYR E 73 -22.05 -30.19 -1.60
CA TYR E 73 -23.45 -30.45 -1.91
C TYR E 73 -23.64 -31.55 -2.95
N SER E 74 -24.89 -31.92 -3.19
CA SER E 74 -25.22 -32.95 -4.16
C SER E 74 -25.78 -32.31 -5.42
N TYR E 75 -25.19 -32.62 -6.57
CA TYR E 75 -25.63 -32.06 -7.84
C TYR E 75 -25.24 -32.98 -8.96
N ASP E 76 -25.69 -32.63 -10.16
CA ASP E 76 -25.39 -33.42 -11.35
C ASP E 76 -25.29 -32.57 -12.61
N CYS E 77 -24.40 -32.98 -13.48
CA CYS E 77 -24.17 -32.34 -14.76
C CYS E 77 -24.40 -33.40 -15.82
N THR E 78 -25.51 -33.28 -16.54
CA THR E 78 -25.83 -34.22 -17.60
C THR E 78 -26.25 -33.47 -18.86
N ASP E 79 -25.60 -33.79 -19.96
CA ASP E 79 -25.87 -33.17 -21.25
C ASP E 79 -25.80 -31.64 -21.16
N GLY E 80 -24.74 -31.14 -20.52
CA GLY E 80 -24.52 -29.70 -20.40
C GLY E 80 -25.43 -28.91 -19.49
N LYS E 81 -26.22 -29.59 -18.66
CA LYS E 81 -27.11 -28.88 -17.75
C LYS E 81 -26.80 -29.23 -16.29
N LEU E 82 -27.03 -28.29 -15.38
CA LEU E 82 -26.77 -28.51 -13.96
C LEU E 82 -28.03 -28.72 -13.12
N THR E 83 -28.00 -29.77 -12.30
CA THR E 83 -29.12 -30.10 -11.43
C THR E 83 -28.70 -30.23 -9.96
N CYS E 84 -29.30 -29.44 -9.07
CA CYS E 84 -29.01 -29.52 -7.63
C CYS E 84 -29.95 -30.57 -7.00
N ASN E 85 -29.38 -31.69 -6.57
CA ASN E 85 -30.18 -32.78 -6.00
C ASN E 85 -30.46 -32.74 -4.51
N ASP E 86 -30.00 -31.70 -3.81
CA ASP E 86 -30.24 -31.61 -2.37
C ASP E 86 -31.71 -31.29 -2.07
N GLN E 87 -32.27 -31.98 -1.08
CA GLN E 87 -33.67 -31.79 -0.68
C GLN E 87 -33.72 -31.70 0.85
N ASN E 88 -33.25 -32.77 1.47
CA ASN E 88 -33.18 -32.91 2.92
C ASN E 88 -32.35 -31.82 3.61
N ASP E 89 -31.41 -31.22 2.88
CA ASP E 89 -30.53 -30.20 3.47
C ASP E 89 -30.58 -28.88 2.70
N LYS E 90 -31.44 -27.97 3.17
CA LYS E 90 -31.63 -26.67 2.52
C LYS E 90 -30.37 -25.84 2.37
N CYS E 91 -29.48 -25.90 3.37
CA CYS E 91 -28.24 -25.15 3.29
C CYS E 91 -27.46 -25.61 2.05
N LYS E 92 -27.24 -26.92 1.93
CA LYS E 92 -26.52 -27.45 0.77
C LYS E 92 -27.22 -27.08 -0.53
N LEU E 93 -28.54 -26.94 -0.48
CA LEU E 93 -29.33 -26.59 -1.66
C LEU E 93 -29.08 -25.13 -2.06
N PHE E 94 -29.16 -24.23 -1.08
CA PHE E 94 -28.92 -22.81 -1.32
C PHE E 94 -27.56 -22.63 -2.00
N ILE E 95 -26.51 -23.10 -1.33
CA ILE E 95 -25.15 -23.00 -1.86
C ILE E 95 -25.02 -23.60 -3.26
N CYS E 96 -25.60 -24.78 -3.46
CA CYS E 96 -25.53 -25.43 -4.77
C CYS E 96 -26.15 -24.52 -5.83
N ASN E 97 -27.21 -23.82 -5.45
CA ASN E 97 -27.90 -22.90 -6.36
C ASN E 97 -27.07 -21.67 -6.63
N CYS E 98 -26.36 -21.18 -5.61
CA CYS E 98 -25.48 -20.03 -5.77
C CYS E 98 -24.47 -20.34 -6.89
N ASP E 99 -23.88 -21.53 -6.84
CA ASP E 99 -22.90 -21.94 -7.83
C ASP E 99 -23.50 -22.23 -9.21
N ARG E 100 -24.68 -22.84 -9.21
CA ARG E 100 -25.37 -23.16 -10.45
C ARG E 100 -25.68 -21.87 -11.21
N THR E 101 -26.39 -20.98 -10.53
CA THR E 101 -26.78 -19.71 -11.11
C THR E 101 -25.56 -19.01 -11.66
N ALA E 102 -24.46 -19.05 -10.91
CA ALA E 102 -23.25 -18.40 -11.35
C ALA E 102 -22.66 -19.04 -12.60
N ALA E 103 -22.63 -20.38 -12.62
CA ALA E 103 -22.06 -21.08 -13.77
C ALA E 103 -22.82 -20.76 -15.04
N MET E 104 -24.15 -20.73 -14.95
CA MET E 104 -24.99 -20.43 -16.10
C MET E 104 -24.80 -18.98 -16.52
N CYS E 105 -24.59 -18.08 -15.56
CA CYS E 105 -24.38 -16.66 -15.82
C CYS E 105 -23.07 -16.45 -16.57
N PHE E 106 -22.01 -17.16 -16.17
CA PHE E 106 -20.72 -17.05 -16.82
C PHE E 106 -20.88 -17.43 -18.30
N ALA E 107 -21.49 -18.60 -18.54
CA ALA E 107 -21.71 -19.11 -19.89
C ALA E 107 -22.45 -18.16 -20.82
N LYS E 108 -23.43 -17.44 -20.29
CA LYS E 108 -24.23 -16.49 -21.06
C LYS E 108 -23.54 -15.14 -21.29
N ALA E 109 -22.69 -14.73 -20.36
CA ALA E 109 -22.03 -13.44 -20.50
C ALA E 109 -20.84 -13.43 -21.45
N PRO E 110 -20.63 -12.31 -22.13
CA PRO E 110 -19.51 -12.18 -23.08
C PRO E 110 -18.21 -12.27 -22.30
N TYR E 111 -17.17 -12.83 -22.91
CA TYR E 111 -15.89 -12.90 -22.24
C TYR E 111 -14.94 -11.94 -22.92
N ASN E 112 -14.60 -10.87 -22.19
CA ASN E 112 -13.69 -9.86 -22.69
C ASN E 112 -12.31 -10.15 -22.16
N GLU E 113 -11.52 -10.87 -22.97
CA GLU E 113 -10.17 -11.25 -22.60
C GLU E 113 -9.31 -10.10 -22.05
N ALA E 114 -9.61 -8.87 -22.48
CA ALA E 114 -8.85 -7.71 -22.01
C ALA E 114 -9.01 -7.48 -20.49
N TYR E 115 -10.13 -7.94 -19.95
CA TYR E 115 -10.39 -7.77 -18.52
C TYR E 115 -9.83 -8.87 -17.64
N ASN E 116 -9.24 -9.90 -18.25
CA ASN E 116 -8.68 -10.98 -17.46
C ASN E 116 -7.36 -10.52 -16.85
N HIS E 117 -7.09 -10.97 -15.63
CA HIS E 117 -5.89 -10.58 -14.93
C HIS E 117 -5.95 -9.07 -14.81
N PHE E 118 -7.12 -8.59 -14.41
CA PHE E 118 -7.39 -7.16 -14.26
C PHE E 118 -6.77 -6.59 -12.99
N ASN E 119 -6.28 -5.36 -13.08
CA ASN E 119 -5.68 -4.71 -11.93
C ASN E 119 -6.73 -4.13 -10.99
N ARG E 120 -6.88 -4.73 -9.81
CA ARG E 120 -7.88 -4.28 -8.85
C ARG E 120 -7.68 -2.85 -8.34
N GLN E 121 -6.48 -2.31 -8.51
CA GLN E 121 -6.23 -0.95 -8.05
C GLN E 121 -7.18 0.04 -8.73
N LEU E 122 -7.62 -0.32 -9.94
CA LEU E 122 -8.52 0.52 -10.72
C LEU E 122 -10.00 0.31 -10.39
N CYS E 123 -10.31 -0.48 -9.38
CA CYS E 123 -11.72 -0.72 -9.08
C CYS E 123 -12.37 0.35 -8.18
N LYS E 124 -11.56 1.22 -7.59
CA LYS E 124 -12.05 2.29 -6.73
C LYS E 124 -12.99 3.26 -7.46
N ASN F 1 -2.81 15.98 -14.12
CA ASN F 1 -2.87 14.79 -13.22
C ASN F 1 -3.00 13.50 -14.03
N LEU F 2 -2.84 12.36 -13.36
CA LEU F 2 -2.88 11.07 -14.03
C LEU F 2 -4.11 10.79 -14.88
N LEU F 3 -5.25 11.35 -14.52
CA LEU F 3 -6.46 11.10 -15.32
C LEU F 3 -6.30 11.87 -16.61
N GLN F 4 -5.71 13.05 -16.54
CA GLN F 4 -5.47 13.85 -17.73
C GLN F 4 -4.48 13.09 -18.62
N PHE F 5 -3.47 12.48 -18.00
CA PHE F 5 -2.47 11.72 -18.73
C PHE F 5 -3.14 10.60 -19.53
N ARG F 6 -4.03 9.89 -18.88
CA ARG F 6 -4.77 8.81 -19.52
C ARG F 6 -5.49 9.32 -20.76
N ASN F 7 -6.19 10.44 -20.62
CA ASN F 7 -6.93 11.04 -21.72
C ASN F 7 -6.03 11.53 -22.82
N MET F 8 -4.77 11.81 -22.51
CA MET F 8 -3.85 12.25 -23.53
C MET F 8 -3.47 11.04 -24.39
N ILE F 9 -3.45 9.87 -23.77
CA ILE F 9 -3.11 8.64 -24.47
C ILE F 9 -4.28 8.30 -25.40
N LYS F 10 -5.50 8.45 -24.90
CA LYS F 10 -6.69 8.17 -25.71
C LYS F 10 -6.72 9.06 -26.94
N CYS F 11 -6.22 10.28 -26.79
CA CYS F 11 -6.19 11.24 -27.88
C CYS F 11 -5.30 10.77 -29.02
N THR F 12 -4.08 10.37 -28.69
CA THR F 12 -3.14 9.91 -29.69
C THR F 12 -3.31 8.43 -30.02
N ILE F 13 -4.04 7.71 -29.17
CA ILE F 13 -4.29 6.29 -29.39
C ILE F 13 -5.74 5.88 -29.05
N PRO F 14 -6.69 6.30 -29.89
CA PRO F 14 -8.12 6.00 -29.70
C PRO F 14 -8.43 4.51 -29.61
N GLY F 15 -7.62 3.69 -30.27
CA GLY F 15 -7.85 2.26 -30.27
C GLY F 15 -7.44 1.48 -29.03
N ARG F 16 -7.17 2.16 -27.92
CA ARG F 16 -6.80 1.44 -26.71
C ARG F 16 -7.28 2.08 -25.41
N GLU F 17 -7.41 1.25 -24.39
CA GLU F 17 -7.76 1.71 -23.04
C GLU F 17 -6.37 1.80 -22.40
N PRO F 18 -5.87 3.02 -22.18
CA PRO F 18 -4.55 3.20 -21.59
C PRO F 18 -4.22 2.35 -20.36
N LEU F 19 -5.22 2.04 -19.54
CA LEU F 19 -5.00 1.27 -18.31
C LEU F 19 -4.86 -0.22 -18.50
N LEU F 20 -5.09 -0.70 -19.71
CA LEU F 20 -4.95 -2.12 -19.96
C LEU F 20 -3.72 -2.36 -20.82
N ALA F 21 -3.30 -1.31 -21.52
CA ALA F 21 -2.16 -1.44 -22.40
C ALA F 21 -0.83 -0.95 -21.83
N PHE F 22 -0.89 0.08 -21.00
CA PHE F 22 0.34 0.66 -20.44
C PHE F 22 0.45 0.67 -18.92
N SER F 23 -0.42 -0.07 -18.23
CA SER F 23 -0.38 -0.13 -16.78
C SER F 23 0.79 -0.95 -16.24
N ASN F 24 0.98 -2.13 -16.81
CA ASN F 24 2.03 -3.03 -16.38
C ASN F 24 2.80 -3.55 -17.58
N TYR F 25 3.26 -2.64 -18.43
CA TYR F 25 3.99 -3.01 -19.62
C TYR F 25 5.49 -2.77 -19.44
N GLY F 26 6.29 -3.76 -19.82
CA GLY F 26 7.73 -3.65 -19.72
C GLY F 26 8.29 -3.45 -18.32
N CYS F 27 9.36 -2.66 -18.21
CA CYS F 27 10.00 -2.40 -16.93
C CYS F 27 9.70 -1.02 -16.36
N TYR F 28 9.23 -0.10 -17.19
CA TYR F 28 8.95 1.26 -16.72
C TYR F 28 7.51 1.77 -16.78
N CYS F 29 6.70 1.20 -17.67
CA CYS F 29 5.31 1.65 -17.78
C CYS F 29 4.52 1.22 -16.57
N GLY F 30 3.93 2.19 -15.87
CA GLY F 30 3.16 1.87 -14.69
C GLY F 30 3.91 2.16 -13.40
N LYS F 31 3.32 1.74 -12.28
CA LYS F 31 3.94 1.97 -10.97
C LYS F 31 5.41 1.57 -10.91
N GLY F 32 6.22 2.51 -10.44
CA GLY F 32 7.66 2.29 -10.28
C GLY F 32 8.38 1.25 -11.13
N GLY F 33 9.23 1.73 -12.01
CA GLY F 33 10.00 0.84 -12.86
C GLY F 33 11.49 0.92 -12.53
N SER F 34 12.24 -0.08 -13.00
CA SER F 34 13.68 -0.14 -12.76
C SER F 34 14.32 -1.02 -13.83
N GLY F 35 15.65 -1.10 -13.83
CA GLY F 35 16.35 -1.91 -14.81
C GLY F 35 16.42 -1.18 -16.13
N THR F 36 16.53 -1.91 -17.24
CA THR F 36 16.58 -1.24 -18.54
C THR F 36 15.34 -1.61 -19.35
N PRO F 37 14.85 -0.66 -20.18
CA PRO F 37 13.66 -0.86 -21.02
C PRO F 37 13.73 -2.11 -21.89
N VAL F 38 12.57 -2.71 -22.17
CA VAL F 38 12.52 -3.90 -23.02
C VAL F 38 12.41 -3.44 -24.47
N ASP F 39 11.85 -2.26 -24.71
CA ASP F 39 11.73 -1.74 -26.06
C ASP F 39 11.50 -0.24 -26.12
N GLU F 40 11.20 0.27 -27.32
CA GLU F 40 10.98 1.69 -27.56
C GLU F 40 9.86 2.26 -26.69
N LEU F 41 8.75 1.51 -26.57
CA LEU F 41 7.62 1.94 -25.78
C LEU F 41 8.05 2.02 -24.30
N ASP F 42 8.72 0.97 -23.81
CA ASP F 42 9.18 0.95 -22.43
C ASP F 42 10.08 2.15 -22.17
N ARG F 43 10.90 2.50 -23.16
CA ARG F 43 11.78 3.64 -23.01
C ARG F 43 10.95 4.89 -22.84
N CYS F 44 9.88 5.04 -23.62
CA CYS F 44 9.04 6.21 -23.45
C CYS F 44 8.63 6.36 -21.99
N CYS F 45 8.28 5.24 -21.35
CA CYS F 45 7.85 5.29 -19.95
C CYS F 45 8.99 5.65 -19.01
N GLN F 46 10.19 5.14 -19.28
CA GLN F 46 11.37 5.45 -18.47
C GLN F 46 11.61 6.96 -18.56
N THR F 47 11.57 7.49 -19.77
CA THR F 47 11.78 8.92 -19.98
C THR F 47 10.68 9.69 -19.24
N HIS F 48 9.46 9.18 -19.30
CA HIS F 48 8.35 9.83 -18.62
C HIS F 48 8.71 9.96 -17.15
N ASP F 49 9.08 8.83 -16.53
CA ASP F 49 9.46 8.82 -15.12
C ASP F 49 10.46 9.91 -14.81
N ASN F 50 11.48 10.03 -15.65
CA ASN F 50 12.52 11.02 -15.44
C ASN F 50 11.94 12.43 -15.47
N CYS F 51 11.05 12.68 -16.42
CA CYS F 51 10.41 13.98 -16.56
C CYS F 51 9.70 14.34 -15.28
N TYR F 52 8.98 13.38 -14.71
CA TYR F 52 8.26 13.59 -13.47
C TYR F 52 9.29 13.87 -12.39
N ASP F 53 10.42 13.17 -12.46
CA ASP F 53 11.49 13.34 -11.48
C ASP F 53 11.96 14.78 -11.53
N LYS F 54 12.05 15.34 -12.74
CA LYS F 54 12.49 16.71 -12.93
C LYS F 54 11.40 17.68 -12.47
N ALA F 55 10.16 17.35 -12.77
CA ALA F 55 9.02 18.18 -12.39
C ALA F 55 9.03 18.48 -10.90
N GLU F 56 9.31 17.47 -10.10
CA GLU F 56 9.35 17.65 -8.66
C GLU F 56 10.43 18.64 -8.23
N LYS F 57 11.57 18.63 -8.93
CA LYS F 57 12.68 19.53 -8.57
C LYS F 57 12.62 20.87 -9.26
N LEU F 58 11.67 21.05 -10.18
CA LEU F 58 11.53 22.32 -10.88
C LEU F 58 11.19 23.40 -9.84
N PRO F 59 11.88 24.55 -9.89
CA PRO F 59 11.62 25.65 -8.94
C PRO F 59 10.20 26.17 -8.98
N GLU F 60 9.58 26.17 -10.16
CA GLU F 60 8.23 26.67 -10.32
C GLU F 60 7.17 25.74 -9.70
N CYS F 61 7.57 24.49 -9.42
CA CYS F 61 6.63 23.55 -8.82
C CYS F 61 6.73 23.64 -7.30
N LYS F 62 5.69 24.18 -6.66
CA LYS F 62 5.65 24.35 -5.20
C LYS F 62 4.21 24.33 -4.68
N GLY F 63 4.03 23.96 -3.41
CA GLY F 63 2.71 23.94 -2.82
C GLY F 63 1.99 22.61 -2.88
N ILE F 64 0.89 22.50 -2.14
CA ILE F 64 0.10 21.27 -2.13
C ILE F 64 -0.48 20.96 -3.50
N LEU F 65 -0.52 19.69 -3.84
CA LEU F 65 -1.04 19.20 -5.11
C LEU F 65 -0.38 19.73 -6.38
N SER F 66 0.91 20.09 -6.29
CA SER F 66 1.61 20.56 -7.47
C SER F 66 2.40 19.41 -8.10
N GLY F 67 2.25 18.20 -7.53
CA GLY F 67 2.95 17.03 -8.05
C GLY F 67 2.31 16.51 -9.34
N PRO F 68 3.09 15.88 -10.24
CA PRO F 68 2.58 15.36 -11.52
C PRO F 68 1.37 14.43 -11.42
N TYR F 69 1.26 13.70 -10.32
CA TYR F 69 0.12 12.80 -10.15
C TYR F 69 -1.21 13.53 -9.93
N PHE F 70 -1.18 14.63 -9.21
CA PHE F 70 -2.41 15.34 -8.90
C PHE F 70 -2.56 16.75 -9.43
N ASN F 71 -1.47 17.34 -9.92
CA ASN F 71 -1.53 18.69 -10.43
C ASN F 71 -2.29 18.77 -11.77
N THR F 72 -3.39 19.51 -11.77
CA THR F 72 -4.22 19.67 -12.96
C THR F 72 -3.77 20.80 -13.87
N TYR F 73 -3.42 20.48 -15.12
CA TYR F 73 -2.97 21.51 -16.05
C TYR F 73 -4.05 21.79 -17.09
N SER F 74 -3.79 22.74 -17.99
CA SER F 74 -4.77 23.03 -19.05
C SER F 74 -4.17 22.55 -20.37
N TYR F 75 -4.94 21.75 -21.11
CA TYR F 75 -4.46 21.24 -22.38
C TYR F 75 -5.65 21.00 -23.28
N ASP F 76 -5.37 20.63 -24.53
CA ASP F 76 -6.43 20.39 -25.49
C ASP F 76 -6.12 19.28 -26.48
N CYS F 77 -7.14 18.49 -26.81
CA CYS F 77 -6.99 17.41 -27.79
C CYS F 77 -7.96 17.68 -28.92
N THR F 78 -7.42 18.08 -30.07
CA THR F 78 -8.23 18.35 -31.24
C THR F 78 -7.62 17.61 -32.42
N ASP F 79 -8.36 16.66 -32.97
CA ASP F 79 -7.92 15.85 -34.10
C ASP F 79 -6.67 15.00 -33.83
N GLY F 80 -6.51 14.54 -32.58
CA GLY F 80 -5.39 13.70 -32.21
C GLY F 80 -4.04 14.38 -32.04
N LYS F 81 -4.05 15.68 -31.72
CA LYS F 81 -2.79 16.41 -31.58
C LYS F 81 -2.21 16.67 -30.18
N LEU F 82 -2.99 17.36 -29.34
CA LEU F 82 -2.58 17.70 -27.98
C LEU F 82 -1.77 18.98 -27.91
N THR F 83 -2.34 19.98 -27.24
CA THR F 83 -1.67 21.26 -27.06
C THR F 83 -1.71 21.67 -25.58
N CYS F 84 -0.53 21.98 -25.02
CA CYS F 84 -0.44 22.42 -23.62
C CYS F 84 -0.66 23.93 -23.60
N ASN F 85 -1.78 24.35 -23.03
CA ASN F 85 -2.13 25.76 -23.00
C ASN F 85 -1.80 26.52 -21.73
N ASP F 86 -0.88 26.00 -20.93
CA ASP F 86 -0.52 26.70 -19.70
C ASP F 86 0.58 27.72 -20.05
N GLN F 87 0.50 28.89 -19.43
CA GLN F 87 1.51 29.91 -19.67
C GLN F 87 1.97 30.55 -18.38
N ASN F 88 1.02 30.89 -17.51
CA ASN F 88 1.37 31.51 -16.23
C ASN F 88 1.94 30.51 -15.23
N ASP F 89 1.44 29.29 -15.25
CA ASP F 89 1.93 28.27 -14.34
C ASP F 89 2.93 27.42 -15.08
N LYS F 90 4.21 27.67 -14.80
CA LYS F 90 5.28 26.95 -15.46
C LYS F 90 5.40 25.51 -15.01
N CYS F 91 4.95 25.25 -13.79
CA CYS F 91 4.97 23.91 -13.19
C CYS F 91 3.98 23.02 -13.95
N LYS F 92 2.74 23.53 -14.09
CA LYS F 92 1.68 22.82 -14.78
C LYS F 92 2.05 22.66 -16.24
N LEU F 93 2.71 23.68 -16.79
CA LEU F 93 3.14 23.63 -18.19
C LEU F 93 4.20 22.55 -18.40
N PHE F 94 5.06 22.38 -17.42
CA PHE F 94 6.13 21.38 -17.49
C PHE F 94 5.51 19.98 -17.43
N ILE F 95 4.72 19.71 -16.40
CA ILE F 95 4.06 18.42 -16.25
C ILE F 95 3.24 18.11 -17.51
N CYS F 96 2.52 19.09 -18.03
CA CYS F 96 1.74 18.86 -19.25
C CYS F 96 2.60 18.33 -20.39
N ASN F 97 3.79 18.90 -20.56
CA ASN F 97 4.67 18.46 -21.63
C ASN F 97 5.16 17.04 -21.39
N CYS F 98 5.43 16.72 -20.12
CA CYS F 98 5.87 15.36 -19.78
C CYS F 98 4.85 14.37 -20.34
N ASP F 99 3.57 14.69 -20.13
CA ASP F 99 2.46 13.86 -20.57
C ASP F 99 2.18 13.89 -22.07
N ARG F 100 2.32 15.07 -22.68
CA ARG F 100 2.11 15.20 -24.12
C ARG F 100 3.21 14.43 -24.84
N THR F 101 4.45 14.60 -24.40
CA THR F 101 5.61 13.94 -25.00
C THR F 101 5.52 12.43 -24.89
N ALA F 102 5.20 11.93 -23.69
CA ALA F 102 5.10 10.50 -23.50
C ALA F 102 3.94 9.94 -24.33
N ALA F 103 2.82 10.66 -24.35
CA ALA F 103 1.63 10.23 -25.08
C ALA F 103 1.89 10.07 -26.57
N MET F 104 2.62 11.02 -27.16
CA MET F 104 2.96 10.95 -28.58
C MET F 104 4.03 9.88 -28.83
N CYS F 105 4.89 9.67 -27.84
CA CYS F 105 5.95 8.67 -27.92
C CYS F 105 5.27 7.30 -27.90
N PHE F 106 4.23 7.16 -27.09
CA PHE F 106 3.49 5.90 -26.99
C PHE F 106 2.89 5.53 -28.34
N ALA F 107 2.31 6.50 -29.01
CA ALA F 107 1.69 6.27 -30.32
C ALA F 107 2.72 6.03 -31.42
N LYS F 108 3.82 6.77 -31.38
CA LYS F 108 4.88 6.66 -32.36
C LYS F 108 5.85 5.54 -31.99
N ALA F 109 5.33 4.47 -31.40
CA ALA F 109 6.19 3.36 -31.01
C ALA F 109 5.43 2.07 -31.11
N PRO F 110 6.14 0.94 -31.32
CA PRO F 110 5.51 -0.38 -31.43
C PRO F 110 4.94 -0.86 -30.11
N TYR F 111 3.97 -1.76 -30.18
CA TYR F 111 3.37 -2.32 -28.98
C TYR F 111 3.56 -3.83 -29.10
N ASN F 112 4.06 -4.46 -28.04
CA ASN F 112 4.26 -5.90 -28.06
C ASN F 112 3.51 -6.56 -26.93
N GLU F 113 2.41 -7.23 -27.25
CA GLU F 113 1.61 -7.90 -26.24
C GLU F 113 2.43 -8.84 -25.36
N ALA F 114 3.57 -9.30 -25.88
CA ALA F 114 4.43 -10.22 -25.13
C ALA F 114 5.13 -9.54 -23.95
N TYR F 115 5.21 -8.22 -24.01
CA TYR F 115 5.86 -7.46 -22.95
C TYR F 115 4.86 -6.89 -21.95
N ASN F 116 3.57 -7.08 -22.23
CA ASN F 116 2.53 -6.61 -21.34
C ASN F 116 2.52 -7.55 -20.15
N HIS F 117 2.19 -7.01 -18.98
CA HIS F 117 2.22 -7.85 -17.78
C HIS F 117 3.58 -8.54 -17.74
N PHE F 118 4.62 -7.73 -17.89
CA PHE F 118 6.00 -8.20 -17.93
C PHE F 118 6.59 -8.63 -16.59
N ASN F 119 7.41 -9.68 -16.63
CA ASN F 119 8.08 -10.19 -15.44
C ASN F 119 9.27 -9.28 -15.17
N ARG F 120 9.08 -8.34 -14.23
CA ARG F 120 10.11 -7.37 -13.90
C ARG F 120 11.37 -7.93 -13.26
N GLN F 121 11.36 -9.20 -12.85
CA GLN F 121 12.56 -9.78 -12.25
C GLN F 121 13.61 -9.90 -13.35
N LEU F 122 13.17 -9.76 -14.59
CA LEU F 122 14.05 -9.86 -15.74
C LEU F 122 14.54 -8.49 -16.17
N CYS F 123 14.31 -7.49 -15.32
CA CYS F 123 14.71 -6.13 -15.65
C CYS F 123 16.13 -5.75 -15.25
N LYS F 124 16.69 -6.45 -14.28
CA LYS F 124 18.04 -6.13 -13.80
C LYS F 124 19.19 -6.64 -14.68
#